data_7BXO
#
_entry.id   7BXO
#
_cell.length_a   54.510
_cell.length_b   100.680
_cell.length_c   132.510
_cell.angle_alpha   90.000
_cell.angle_beta   96.440
_cell.angle_gamma   90.000
#
_symmetry.space_group_name_H-M   'P 1 21 1'
#
loop_
_entity.id
_entity.type
_entity.pdbx_description
1 polymer 'Toxin-antitoxin system antidote Mnt family'
2 polymer 'Toxin-antitoxin system toxin HepN family'
3 non-polymer 'PHOSPHOAMINOPHOSPHONIC ACID-ADENYLATE ESTER'
4 non-polymer 'MAGNESIUM ION'
5 water water
#
loop_
_entity_poly.entity_id
_entity_poly.type
_entity_poly.pdbx_seq_one_letter_code
_entity_poly.pdbx_strand_id
1 'polypeptide(L)'
;MQQLNENKIIKLLRDNIPKLQLIYLFGSYSQGTQHRNSDIDIAVLAADTLDNIARWELAQKLASALDSDVDLVDLRSAST
VLCQQVVTQGKQLWGTQQDDELFAVKTISMYQHLQAERQAIIDDVMANTAAKAHRGESL
;
A,E
2 'polypeptide(L)'
;MNDIIINKIATIKRCIKRIQQVYGDGSQFKQDFTLQDSVILNLQRCCEACIDIANHINRQQQLGIPQSSRDSFTLLAQNN
LITQPLSDNLKKMVGLRNIAVHDAQELNLDIVVHVVQHHLEDFEQFIDVIKAE
;
B,C,D,F,G,H
#
loop_
_chem_comp.id
_chem_comp.type
_chem_comp.name
_chem_comp.formula
ANP non-polymer 'PHOSPHOAMINOPHOSPHONIC ACID-ADENYLATE ESTER' 'C10 H17 N6 O12 P3'
MG non-polymer 'MAGNESIUM ION' 'Mg 2'
#
# COMPACT_ATOMS: atom_id res chain seq x y z
N LEU A 4 -4.84 26.34 10.18
CA LEU A 4 -3.60 26.00 9.49
C LEU A 4 -2.61 27.19 9.50
N ASN A 5 -1.37 26.95 9.99
CA ASN A 5 -0.37 28.01 10.05
C ASN A 5 0.25 28.24 8.68
N GLU A 6 -0.33 29.21 7.97
CA GLU A 6 0.09 29.63 6.63
C GLU A 6 1.42 30.37 6.70
N ASN A 7 1.70 31.07 7.83
CA ASN A 7 2.94 31.79 8.08
C ASN A 7 4.13 30.82 8.18
N LYS A 8 3.90 29.65 8.82
CA LYS A 8 4.86 28.56 8.96
C LYS A 8 5.19 27.98 7.59
N ILE A 9 4.14 27.81 6.74
CA ILE A 9 4.23 27.32 5.35
C ILE A 9 5.08 28.28 4.51
N ILE A 10 4.75 29.60 4.52
CA ILE A 10 5.46 30.64 3.78
C ILE A 10 6.95 30.68 4.18
N LYS A 11 7.27 30.65 5.50
CA LYS A 11 8.65 30.68 6.01
C LYS A 11 9.50 29.48 5.59
N LEU A 12 9.00 28.25 5.73
CA LEU A 12 9.73 27.02 5.36
C LEU A 12 10.08 26.98 3.88
N LEU A 13 9.12 27.33 3.01
CA LEU A 13 9.30 27.33 1.55
C LEU A 13 10.23 28.43 1.05
N ARG A 14 10.14 29.66 1.64
CA ARG A 14 11.01 30.80 1.29
C ARG A 14 12.45 30.51 1.71
N ASP A 15 12.62 29.87 2.89
CA ASP A 15 13.92 29.51 3.44
C ASP A 15 14.58 28.36 2.70
N ASN A 16 13.84 27.63 1.85
CA ASN A 16 14.38 26.45 1.16
C ASN A 16 14.33 26.46 -0.36
N ILE A 17 13.48 27.31 -0.97
CA ILE A 17 13.36 27.38 -2.43
C ILE A 17 14.01 28.65 -2.96
N PRO A 18 15.05 28.53 -3.83
CA PRO A 18 15.66 29.73 -4.40
C PRO A 18 14.83 30.30 -5.55
N LYS A 19 14.75 31.65 -5.59
CA LYS A 19 14.05 32.43 -6.63
C LYS A 19 12.54 32.16 -6.66
N LEU A 20 11.95 31.90 -5.48
CA LEU A 20 10.51 31.65 -5.29
C LEU A 20 9.68 32.85 -5.74
N GLN A 21 8.62 32.60 -6.52
CA GLN A 21 7.72 33.61 -7.09
C GLN A 21 6.29 33.48 -6.57
N LEU A 22 5.77 32.24 -6.44
CA LEU A 22 4.38 32.01 -5.99
C LEU A 22 4.23 30.85 -5.02
N ILE A 23 3.32 30.99 -4.05
CA ILE A 23 2.91 29.95 -3.08
C ILE A 23 1.39 29.90 -3.08
N TYR A 24 0.81 28.72 -3.37
CA TYR A 24 -0.63 28.50 -3.40
C TYR A 24 -1.01 27.35 -2.46
N LEU A 25 -2.18 27.48 -1.83
CA LEU A 25 -2.75 26.41 -1.01
C LEU A 25 -3.97 25.92 -1.78
N PHE A 26 -3.99 24.63 -2.13
CA PHE A 26 -5.10 24.03 -2.86
C PHE A 26 -5.62 22.76 -2.12
N GLY A 27 -6.59 22.08 -2.71
CA GLY A 27 -7.21 20.89 -2.13
C GLY A 27 -8.26 21.20 -1.09
N SER A 28 -8.45 20.29 -0.13
CA SER A 28 -9.43 20.38 0.96
C SER A 28 -9.28 21.61 1.87
N TYR A 29 -8.03 21.93 2.26
CA TYR A 29 -7.69 23.04 3.16
C TYR A 29 -8.07 24.43 2.62
N SER A 30 -7.89 24.65 1.30
CA SER A 30 -8.21 25.92 0.63
C SER A 30 -9.73 26.17 0.59
N GLN A 31 -10.52 25.10 0.43
CA GLN A 31 -11.98 25.17 0.35
C GLN A 31 -12.64 25.18 1.73
N GLY A 32 -12.12 24.35 2.64
CA GLY A 32 -12.63 24.21 4.01
C GLY A 32 -13.03 22.79 4.35
N THR A 33 -12.88 21.84 3.39
CA THR A 33 -13.21 20.41 3.52
C THR A 33 -12.14 19.63 4.33
N GLN A 34 -11.20 20.37 4.94
CA GLN A 34 -10.08 19.89 5.76
C GLN A 34 -10.54 19.02 6.93
N HIS A 35 -10.38 17.70 6.79
CA HIS A 35 -10.78 16.74 7.82
C HIS A 35 -9.59 16.32 8.72
N ARG A 36 -9.72 15.16 9.41
CA ARG A 36 -8.75 14.61 10.36
C ARG A 36 -7.46 14.10 9.70
N ASN A 37 -7.56 13.05 8.86
CA ASN A 37 -6.45 12.42 8.15
C ASN A 37 -6.18 13.12 6.80
N SER A 38 -6.36 14.46 6.79
CA SER A 38 -6.19 15.35 5.64
C SER A 38 -4.73 15.54 5.24
N ASP A 39 -4.52 15.66 3.94
CA ASP A 39 -3.24 15.88 3.28
C ASP A 39 -3.22 17.34 2.78
N ILE A 40 -2.26 18.16 3.30
CA ILE A 40 -2.12 19.58 2.90
C ILE A 40 -1.51 19.65 1.49
N ASP A 41 -2.13 20.44 0.60
CA ASP A 41 -1.66 20.58 -0.79
C ASP A 41 -1.12 21.97 -1.04
N ILE A 42 0.18 22.04 -1.42
CA ILE A 42 0.88 23.29 -1.68
C ILE A 42 1.47 23.29 -3.09
N ALA A 43 1.27 24.39 -3.82
CA ALA A 43 1.80 24.56 -5.16
C ALA A 43 2.75 25.75 -5.16
N VAL A 44 3.98 25.55 -5.65
CA VAL A 44 4.98 26.62 -5.70
C VAL A 44 5.52 26.86 -7.12
N LEU A 45 5.90 28.11 -7.41
CA LEU A 45 6.53 28.46 -8.67
C LEU A 45 7.75 29.32 -8.38
N ALA A 46 8.92 28.86 -8.86
CA ALA A 46 10.20 29.55 -8.73
C ALA A 46 10.79 29.81 -10.14
N ALA A 47 11.99 30.42 -10.24
CA ALA A 47 12.63 30.68 -11.54
C ALA A 47 13.06 29.40 -12.25
N ASP A 48 13.53 28.40 -11.48
CA ASP A 48 13.97 27.10 -12.01
C ASP A 48 13.04 25.97 -11.52
N THR A 49 13.17 24.78 -12.11
CA THR A 49 12.39 23.62 -11.69
C THR A 49 13.09 22.99 -10.48
N LEU A 50 12.29 22.45 -9.54
CA LEU A 50 12.79 21.77 -8.36
C LEU A 50 13.02 20.32 -8.75
N ASP A 51 14.14 19.74 -8.31
CA ASP A 51 14.47 18.33 -8.54
C ASP A 51 13.43 17.46 -7.83
N ASN A 52 13.00 16.36 -8.48
CA ASN A 52 12.01 15.42 -7.96
C ASN A 52 12.35 14.95 -6.53
N ILE A 53 13.64 14.57 -6.30
CA ILE A 53 14.13 14.12 -4.98
C ILE A 53 14.09 15.28 -3.97
N ALA A 54 14.65 16.45 -4.36
CA ALA A 54 14.75 17.65 -3.54
C ALA A 54 13.38 18.16 -3.10
N ARG A 55 12.39 18.13 -4.01
CA ARG A 55 11.02 18.56 -3.75
C ARG A 55 10.35 17.63 -2.72
N TRP A 56 10.51 16.29 -2.89
CA TRP A 56 9.95 15.28 -1.99
C TRP A 56 10.46 15.46 -0.57
N GLU A 57 11.79 15.58 -0.42
CA GLU A 57 12.46 15.77 0.87
C GLU A 57 11.96 17.05 1.56
N LEU A 58 11.70 18.11 0.78
CA LEU A 58 11.17 19.40 1.27
C LEU A 58 9.72 19.27 1.75
N ALA A 59 8.91 18.45 1.04
CA ALA A 59 7.51 18.18 1.41
C ALA A 59 7.50 17.48 2.77
N GLN A 60 8.45 16.54 3.00
CA GLN A 60 8.61 15.81 4.27
C GLN A 60 9.08 16.70 5.43
N LYS A 61 9.79 17.81 5.12
CA LYS A 61 10.28 18.81 6.08
C LYS A 61 9.06 19.61 6.56
N LEU A 62 8.19 20.04 5.62
CA LEU A 62 6.93 20.74 5.90
C LEU A 62 6.00 19.81 6.68
N ALA A 63 5.94 18.52 6.29
CA ALA A 63 5.13 17.48 6.92
C ALA A 63 5.46 17.29 8.40
N SER A 64 6.76 17.34 8.74
CA SER A 64 7.28 17.21 10.09
C SER A 64 6.86 18.42 10.95
N ALA A 65 7.02 19.64 10.41
CA ALA A 65 6.69 20.91 11.07
C ALA A 65 5.20 21.19 11.19
N LEU A 66 4.38 20.65 10.27
CA LEU A 66 2.93 20.85 10.27
C LEU A 66 2.17 19.70 10.93
N ASP A 67 2.86 18.54 11.15
CA ASP A 67 2.32 17.31 11.72
C ASP A 67 1.12 16.82 10.90
N SER A 68 1.34 16.66 9.58
CA SER A 68 0.35 16.27 8.59
C SER A 68 1.06 15.94 7.27
N ASP A 69 0.47 15.07 6.43
CA ASP A 69 1.05 14.73 5.12
C ASP A 69 0.92 15.96 4.22
N VAL A 70 2.01 16.33 3.53
CA VAL A 70 1.96 17.46 2.61
C VAL A 70 2.37 16.99 1.21
N ASP A 71 1.64 17.49 0.21
CA ASP A 71 1.84 17.25 -1.21
C ASP A 71 2.33 18.58 -1.79
N LEU A 72 3.64 18.66 -2.11
CA LEU A 72 4.27 19.85 -2.68
C LEU A 72 4.40 19.69 -4.20
N VAL A 73 3.80 20.62 -4.93
CA VAL A 73 3.71 20.63 -6.40
C VAL A 73 4.54 21.77 -6.98
N ASP A 74 5.41 21.45 -7.96
CA ASP A 74 6.26 22.42 -8.66
C ASP A 74 5.52 22.75 -9.95
N LEU A 75 4.89 23.93 -10.00
CA LEU A 75 4.07 24.40 -11.13
C LEU A 75 4.81 24.41 -12.46
N ARG A 76 6.14 24.65 -12.43
CA ARG A 76 7.04 24.68 -13.58
C ARG A 76 7.15 23.31 -14.27
N SER A 77 6.93 22.21 -13.52
CA SER A 77 7.01 20.84 -14.06
C SER A 77 5.70 20.05 -13.97
N ALA A 78 4.67 20.60 -13.28
CA ALA A 78 3.37 19.94 -13.16
C ALA A 78 2.58 20.01 -14.47
N SER A 79 1.58 19.11 -14.61
CA SER A 79 0.70 19.03 -15.79
C SER A 79 -0.20 20.27 -15.91
N THR A 80 -0.80 20.47 -17.10
CA THR A 80 -1.71 21.60 -17.37
C THR A 80 -3.00 21.44 -16.54
N VAL A 81 -3.48 20.18 -16.40
CA VAL A 81 -4.66 19.80 -15.62
C VAL A 81 -4.48 20.26 -14.14
N LEU A 82 -3.30 19.92 -13.53
CA LEU A 82 -2.91 20.28 -12.17
C LEU A 82 -2.81 21.78 -11.99
N CYS A 83 -2.18 22.50 -12.95
CA CYS A 83 -2.05 23.97 -12.92
C CYS A 83 -3.43 24.63 -12.98
N GLN A 84 -4.36 24.09 -13.83
CA GLN A 84 -5.73 24.59 -13.94
C GLN A 84 -6.48 24.43 -12.62
N GLN A 85 -6.27 23.30 -11.92
CA GLN A 85 -6.86 23.00 -10.61
C GLN A 85 -6.40 24.02 -9.55
N VAL A 86 -5.12 24.44 -9.62
CA VAL A 86 -4.51 25.44 -8.73
C VAL A 86 -5.03 26.86 -9.04
N VAL A 87 -5.13 27.24 -10.34
CA VAL A 87 -5.63 28.59 -10.68
C VAL A 87 -7.13 28.74 -10.32
N THR A 88 -7.91 27.64 -10.42
CA THR A 88 -9.33 27.64 -10.13
C THR A 88 -9.65 27.45 -8.63
N GLN A 89 -9.07 26.42 -7.97
CA GLN A 89 -9.36 26.11 -6.56
C GLN A 89 -8.42 26.72 -5.53
N GLY A 90 -7.17 26.98 -5.93
CA GLY A 90 -6.11 27.50 -5.07
C GLY A 90 -6.31 28.89 -4.49
N LYS A 91 -5.65 29.12 -3.33
CA LYS A 91 -5.60 30.37 -2.57
C LYS A 91 -4.13 30.80 -2.52
N GLN A 92 -3.82 32.00 -3.03
CA GLN A 92 -2.46 32.53 -3.05
C GLN A 92 -2.02 32.93 -1.64
N LEU A 93 -0.89 32.38 -1.19
CA LEU A 93 -0.30 32.62 0.12
C LEU A 93 0.85 33.61 0.03
N TRP A 94 1.59 33.59 -1.08
CA TRP A 94 2.73 34.46 -1.31
C TRP A 94 2.92 34.76 -2.81
N GLY A 95 3.58 35.88 -3.11
CA GLY A 95 3.86 36.33 -4.46
C GLY A 95 3.10 37.58 -4.86
N THR A 96 3.58 38.26 -5.92
CA THR A 96 2.95 39.49 -6.42
C THR A 96 1.66 39.16 -7.15
N GLN A 97 0.72 40.13 -7.21
CA GLN A 97 -0.56 39.98 -7.92
C GLN A 97 -0.29 39.73 -9.40
N GLN A 98 0.75 40.39 -9.96
CA GLN A 98 1.19 40.31 -11.36
C GLN A 98 1.58 38.88 -11.74
N ASP A 99 2.48 38.24 -10.96
CA ASP A 99 2.95 36.86 -11.19
C ASP A 99 1.81 35.83 -11.21
N ASP A 100 0.81 35.99 -10.32
CA ASP A 100 -0.38 35.15 -10.21
C ASP A 100 -1.22 35.24 -11.50
N GLU A 101 -1.47 36.49 -11.96
CA GLU A 101 -2.21 36.85 -13.18
C GLU A 101 -1.51 36.30 -14.42
N LEU A 102 -0.16 36.44 -14.49
CA LEU A 102 0.66 35.95 -15.60
C LEU A 102 0.63 34.43 -15.68
N PHE A 103 0.64 33.76 -14.51
CA PHE A 103 0.60 32.29 -14.40
C PHE A 103 -0.76 31.76 -14.86
N ALA A 104 -1.86 32.42 -14.41
CA ALA A 104 -3.23 32.08 -14.76
C ALA A 104 -3.49 32.20 -16.27
N VAL A 105 -3.07 33.32 -16.90
CA VAL A 105 -3.23 33.58 -18.33
C VAL A 105 -2.53 32.48 -19.16
N LYS A 106 -1.30 32.09 -18.77
CA LYS A 106 -0.52 31.03 -19.44
C LYS A 106 -1.22 29.68 -19.28
N THR A 107 -1.65 29.36 -18.04
CA THR A 107 -2.32 28.12 -17.65
C THR A 107 -3.65 27.92 -18.39
N ILE A 108 -4.59 28.87 -18.24
CA ILE A 108 -5.94 28.82 -18.83
C ILE A 108 -5.87 28.65 -20.36
N SER A 109 -4.94 29.38 -21.02
CA SER A 109 -4.71 29.30 -22.47
C SER A 109 -4.25 27.90 -22.84
N MET A 110 -3.23 27.38 -22.14
CA MET A 110 -2.68 26.05 -22.37
C MET A 110 -3.71 24.95 -22.12
N TYR A 111 -4.58 25.15 -21.11
CA TYR A 111 -5.64 24.20 -20.77
C TYR A 111 -6.75 24.22 -21.80
N GLN A 112 -7.12 25.42 -22.31
CA GLN A 112 -8.13 25.58 -23.37
C GLN A 112 -7.68 24.89 -24.67
N HIS A 113 -6.36 24.92 -24.95
CA HIS A 113 -5.75 24.29 -26.12
C HIS A 113 -5.70 22.79 -25.97
N LEU A 114 -5.42 22.31 -24.74
CA LEU A 114 -5.36 20.89 -24.41
C LEU A 114 -6.76 20.25 -24.55
N GLN A 115 -7.82 20.97 -24.12
CA GLN A 115 -9.20 20.52 -24.19
C GLN A 115 -9.62 20.22 -25.63
N ALA A 116 -9.23 21.09 -26.59
CA ALA A 116 -9.49 20.92 -28.02
C ALA A 116 -8.76 19.68 -28.57
N GLU A 117 -7.49 19.48 -28.16
CA GLU A 117 -6.65 18.36 -28.59
C GLU A 117 -7.15 16.99 -28.08
N ARG A 118 -7.46 16.87 -26.77
CA ARG A 118 -7.84 15.61 -26.14
C ARG A 118 -9.36 15.35 -26.02
N GLN A 119 -10.23 16.27 -26.53
CA GLN A 119 -11.70 16.11 -26.45
C GLN A 119 -12.18 14.73 -26.89
N ALA A 120 -11.62 14.20 -27.98
CA ALA A 120 -11.92 12.88 -28.53
C ALA A 120 -11.60 11.76 -27.54
N ILE A 121 -10.44 11.85 -26.84
CA ILE A 121 -9.99 10.87 -25.84
C ILE A 121 -10.92 10.91 -24.61
N ILE A 122 -11.28 12.13 -24.16
CA ILE A 122 -12.20 12.38 -23.02
C ILE A 122 -13.58 11.74 -23.29
N ASP A 123 -14.18 12.02 -24.47
CA ASP A 123 -15.48 11.51 -24.90
C ASP A 123 -15.52 9.97 -24.94
N ASP A 124 -14.47 9.35 -25.51
CA ASP A 124 -14.31 7.90 -25.66
C ASP A 124 -14.28 7.14 -24.33
N VAL A 125 -13.64 7.70 -23.29
CA VAL A 125 -13.57 7.05 -21.98
C VAL A 125 -14.85 7.31 -21.18
N MET A 126 -15.36 8.56 -21.22
CA MET A 126 -16.57 8.98 -20.51
C MET A 126 -17.89 8.50 -21.16
N ALA A 127 -17.78 7.75 -22.29
CA ALA A 127 -18.89 7.19 -23.10
C ALA A 127 -19.93 8.24 -23.50
N ASN B 2 -4.98 47.42 -15.99
CA ASN B 2 -4.06 46.35 -15.64
C ASN B 2 -2.87 46.30 -16.60
N ASP B 3 -1.70 45.86 -16.10
CA ASP B 3 -0.45 45.75 -16.87
C ASP B 3 -0.47 44.62 -17.91
N ILE B 4 -1.21 43.51 -17.62
CA ILE B 4 -1.33 42.37 -18.55
C ILE B 4 -2.19 42.75 -19.75
N ILE B 5 -3.26 43.55 -19.51
CA ILE B 5 -4.20 44.04 -20.51
C ILE B 5 -3.50 45.02 -21.48
N ILE B 6 -2.75 46.00 -20.96
CA ILE B 6 -2.00 46.99 -21.77
C ILE B 6 -0.94 46.29 -22.65
N ASN B 7 -0.28 45.25 -22.12
CA ASN B 7 0.73 44.43 -22.81
C ASN B 7 0.11 43.65 -23.97
N LYS B 8 -1.10 43.08 -23.76
CA LYS B 8 -1.85 42.31 -24.76
C LYS B 8 -2.44 43.22 -25.84
N ILE B 9 -2.87 44.45 -25.45
CA ILE B 9 -3.41 45.47 -26.37
C ILE B 9 -2.29 45.87 -27.34
N ALA B 10 -1.08 46.10 -26.80
CA ALA B 10 0.14 46.43 -27.56
C ALA B 10 0.42 45.34 -28.60
N THR B 11 0.24 44.05 -28.21
CA THR B 11 0.44 42.88 -29.07
C THR B 11 -0.51 42.92 -30.29
N ILE B 12 -1.82 43.16 -30.06
CA ILE B 12 -2.84 43.22 -31.11
C ILE B 12 -2.53 44.36 -32.09
N LYS B 13 -2.12 45.54 -31.57
CA LYS B 13 -1.77 46.73 -32.35
C LYS B 13 -0.62 46.43 -33.32
N ARG B 14 0.44 45.75 -32.81
CA ARG B 14 1.62 45.37 -33.60
C ARG B 14 1.24 44.38 -34.70
N CYS B 15 0.45 43.34 -34.36
CA CYS B 15 0.04 42.29 -35.29
C CYS B 15 -0.98 42.76 -36.33
N ILE B 16 -1.85 43.75 -35.99
CA ILE B 16 -2.79 44.34 -36.94
C ILE B 16 -1.96 45.04 -38.04
N LYS B 17 -0.95 45.82 -37.62
CA LYS B 17 -0.02 46.53 -38.49
C LYS B 17 0.86 45.58 -39.32
N ARG B 18 1.19 44.39 -38.78
CA ARG B 18 1.97 43.37 -39.48
C ARG B 18 1.14 42.68 -40.58
N ILE B 19 -0.19 42.65 -40.42
CA ILE B 19 -1.10 42.07 -41.41
C ILE B 19 -1.23 43.06 -42.58
N GLN B 20 -1.46 44.36 -42.26
CA GLN B 20 -1.61 45.46 -43.21
C GLN B 20 -0.38 45.65 -44.09
N GLN B 21 0.82 45.44 -43.53
CA GLN B 21 2.09 45.58 -44.25
C GLN B 21 2.37 44.39 -45.16
N VAL B 22 2.16 43.15 -44.67
CA VAL B 22 2.37 41.89 -45.41
C VAL B 22 1.39 41.79 -46.58
N TYR B 23 0.08 41.99 -46.33
CA TYR B 23 -0.98 41.96 -47.35
C TYR B 23 -0.76 43.08 -48.39
N GLY B 24 -0.48 44.30 -47.90
CA GLY B 24 -0.24 45.47 -48.73
C GLY B 24 -1.44 45.86 -49.56
N ASP B 25 -1.41 45.49 -50.87
CA ASP B 25 -2.48 45.75 -51.83
C ASP B 25 -3.31 44.50 -52.15
N GLY B 26 -2.76 43.32 -51.84
CA GLY B 26 -3.41 42.04 -52.06
C GLY B 26 -3.25 41.47 -53.45
N SER B 27 -2.46 42.14 -54.31
CA SER B 27 -2.19 41.73 -55.70
C SER B 27 -1.37 40.43 -55.75
N GLN B 28 -0.43 40.25 -54.80
CA GLN B 28 0.41 39.06 -54.72
C GLN B 28 0.06 38.16 -53.52
N PHE B 29 -1.03 38.48 -52.78
CA PHE B 29 -1.47 37.73 -51.60
C PHE B 29 -1.98 36.33 -51.92
N LYS B 30 -2.91 36.20 -52.88
CA LYS B 30 -3.49 34.90 -53.25
C LYS B 30 -2.50 33.95 -53.93
N GLN B 31 -1.43 34.51 -54.53
CA GLN B 31 -0.37 33.80 -55.24
C GLN B 31 0.69 33.25 -54.28
N ASP B 32 1.22 34.10 -53.37
CA ASP B 32 2.28 33.76 -52.43
C ASP B 32 1.80 33.11 -51.13
N PHE B 33 2.34 31.90 -50.85
CA PHE B 33 2.06 31.10 -49.65
C PHE B 33 2.68 31.76 -48.40
N THR B 34 3.89 32.36 -48.53
CA THR B 34 4.63 33.04 -47.46
C THR B 34 3.85 34.25 -46.92
N LEU B 35 3.16 34.99 -47.82
CA LEU B 35 2.34 36.15 -47.43
C LEU B 35 1.09 35.65 -46.70
N GLN B 36 0.54 34.50 -47.12
CA GLN B 36 -0.62 33.85 -46.49
C GLN B 36 -0.22 33.37 -45.09
N ASP B 37 0.94 32.68 -44.97
CA ASP B 37 1.51 32.18 -43.73
C ASP B 37 1.76 33.28 -42.71
N SER B 38 2.27 34.45 -43.16
CA SER B 38 2.55 35.60 -42.28
C SER B 38 1.27 36.30 -41.80
N VAL B 39 0.22 36.33 -42.63
CA VAL B 39 -1.08 36.94 -42.30
C VAL B 39 -1.82 36.07 -41.29
N ILE B 40 -1.84 34.74 -41.53
CA ILE B 40 -2.49 33.75 -40.68
C ILE B 40 -1.84 33.70 -39.28
N LEU B 41 -0.50 33.76 -39.20
CA LEU B 41 0.21 33.76 -37.91
C LEU B 41 -0.11 34.99 -37.08
N ASN B 42 -0.11 36.19 -37.70
CA ASN B 42 -0.42 37.43 -36.99
C ASN B 42 -1.90 37.58 -36.65
N LEU B 43 -2.79 36.85 -37.36
CA LEU B 43 -4.22 36.83 -37.05
C LEU B 43 -4.46 36.00 -35.79
N GLN B 44 -3.72 34.87 -35.67
CA GLN B 44 -3.73 33.93 -34.54
C GLN B 44 -3.21 34.63 -33.27
N ARG B 45 -2.17 35.47 -33.41
CA ARG B 45 -1.56 36.26 -32.34
C ARG B 45 -2.54 37.32 -31.81
N CYS B 46 -3.40 37.86 -32.69
CA CYS B 46 -4.46 38.83 -32.37
C CYS B 46 -5.57 38.10 -31.61
N CYS B 47 -5.88 36.86 -32.05
CA CYS B 47 -6.90 35.98 -31.46
C CYS B 47 -6.48 35.56 -30.07
N GLU B 48 -5.24 35.03 -29.92
CA GLU B 48 -4.70 34.57 -28.65
C GLU B 48 -4.63 35.66 -27.60
N ALA B 49 -4.24 36.89 -27.99
CA ALA B 49 -4.20 38.04 -27.09
C ALA B 49 -5.61 38.51 -26.70
N CYS B 50 -6.62 38.23 -27.55
CA CYS B 50 -8.03 38.53 -27.29
C CYS B 50 -8.54 37.53 -26.28
N ILE B 51 -8.28 36.22 -26.53
CA ILE B 51 -8.67 35.09 -25.65
C ILE B 51 -8.01 35.28 -24.27
N ASP B 52 -6.72 35.67 -24.24
CA ASP B 52 -5.96 35.93 -23.01
C ASP B 52 -6.54 37.08 -22.19
N ILE B 53 -7.07 38.13 -22.86
CA ILE B 53 -7.73 39.26 -22.19
C ILE B 53 -9.05 38.77 -21.57
N ALA B 54 -9.85 38.03 -22.36
CA ALA B 54 -11.12 37.44 -21.96
C ALA B 54 -10.93 36.51 -20.74
N ASN B 55 -9.90 35.63 -20.79
CA ASN B 55 -9.52 34.68 -19.73
C ASN B 55 -9.12 35.41 -18.44
N HIS B 56 -8.37 36.53 -18.58
CA HIS B 56 -7.91 37.34 -17.47
C HIS B 56 -9.07 38.06 -16.78
N ILE B 57 -9.96 38.68 -17.57
CA ILE B 57 -11.12 39.41 -17.05
C ILE B 57 -12.13 38.44 -16.41
N ASN B 58 -12.31 37.23 -16.98
CA ASN B 58 -13.21 36.21 -16.43
C ASN B 58 -12.71 35.64 -15.09
N ARG B 59 -11.38 35.61 -14.88
CA ARG B 59 -10.81 35.13 -13.62
C ARG B 59 -10.79 36.24 -12.56
N GLN B 60 -10.24 37.42 -12.90
CA GLN B 60 -10.11 38.58 -12.01
C GLN B 60 -11.46 39.13 -11.54
N GLN B 61 -12.46 39.18 -12.43
CA GLN B 61 -13.81 39.68 -12.08
C GLN B 61 -14.72 38.56 -11.55
N GLN B 62 -14.19 37.32 -11.49
CA GLN B 62 -14.85 36.09 -11.00
C GLN B 62 -16.18 35.82 -11.73
N LEU B 63 -16.15 35.89 -13.07
CA LEU B 63 -17.31 35.66 -13.93
C LEU B 63 -17.50 34.18 -14.30
N GLY B 64 -16.48 33.37 -13.99
CA GLY B 64 -16.44 31.93 -14.24
C GLY B 64 -15.15 31.49 -14.89
N ILE B 65 -14.93 30.15 -14.97
CA ILE B 65 -13.73 29.62 -15.60
C ILE B 65 -14.12 29.00 -16.97
N PRO B 66 -13.66 29.60 -18.09
CA PRO B 66 -14.01 29.07 -19.41
C PRO B 66 -13.04 27.98 -19.84
N GLN B 67 -13.58 26.78 -20.16
CA GLN B 67 -12.76 25.63 -20.56
C GLN B 67 -12.54 25.56 -22.10
N SER B 68 -12.93 26.65 -22.82
CA SER B 68 -12.78 26.84 -24.26
C SER B 68 -12.66 28.34 -24.57
N SER B 69 -11.95 28.68 -25.67
CA SER B 69 -11.73 30.05 -26.15
C SER B 69 -13.05 30.79 -26.38
N ARG B 70 -14.07 30.06 -26.92
CA ARG B 70 -15.40 30.57 -27.23
C ARG B 70 -16.21 30.89 -25.99
N ASP B 71 -16.16 30.01 -24.95
CA ASP B 71 -16.86 30.20 -23.67
C ASP B 71 -16.39 31.48 -22.96
N SER B 72 -15.11 31.85 -23.15
CA SER B 72 -14.49 33.04 -22.59
C SER B 72 -15.15 34.32 -23.12
N PHE B 73 -15.50 34.33 -24.42
CA PHE B 73 -16.18 35.47 -25.06
C PHE B 73 -17.65 35.49 -24.67
N THR B 74 -18.28 34.29 -24.61
CA THR B 74 -19.68 34.08 -24.21
C THR B 74 -19.90 34.67 -22.81
N LEU B 75 -19.02 34.33 -21.84
CA LEU B 75 -19.03 34.79 -20.46
C LEU B 75 -18.95 36.34 -20.35
N LEU B 76 -18.15 36.98 -21.23
CA LEU B 76 -18.02 38.43 -21.29
C LEU B 76 -19.32 39.10 -21.75
N ALA B 77 -20.06 38.45 -22.68
CA ALA B 77 -21.33 38.93 -23.23
C ALA B 77 -22.47 38.85 -22.19
N GLN B 78 -22.53 37.73 -21.42
CA GLN B 78 -23.53 37.47 -20.36
C GLN B 78 -23.43 38.54 -19.26
N ASN B 79 -22.18 38.95 -18.93
CA ASN B 79 -21.86 39.95 -17.91
C ASN B 79 -21.77 41.38 -18.50
N ASN B 80 -22.24 41.53 -19.76
CA ASN B 80 -22.32 42.77 -20.54
C ASN B 80 -21.01 43.60 -20.53
N LEU B 81 -19.85 42.92 -20.67
CA LEU B 81 -18.55 43.58 -20.75
C LEU B 81 -18.19 43.88 -22.21
N ILE B 82 -18.66 43.02 -23.13
CA ILE B 82 -18.53 43.16 -24.59
C ILE B 82 -19.91 42.92 -25.22
N THR B 83 -20.22 43.67 -26.29
CA THR B 83 -21.50 43.56 -27.00
C THR B 83 -21.59 42.19 -27.70
N GLN B 84 -22.80 41.58 -27.70
CA GLN B 84 -23.06 40.25 -28.28
C GLN B 84 -22.71 40.11 -29.78
N PRO B 85 -23.03 41.06 -30.71
CA PRO B 85 -22.60 40.87 -32.12
C PRO B 85 -21.08 40.77 -32.25
N LEU B 86 -20.33 41.52 -31.41
CA LEU B 86 -18.86 41.51 -31.36
C LEU B 86 -18.35 40.17 -30.81
N SER B 87 -19.04 39.60 -29.80
CA SER B 87 -18.71 38.30 -29.19
C SER B 87 -18.73 37.19 -30.24
N ASP B 88 -19.83 37.12 -31.03
CA ASP B 88 -20.02 36.14 -32.09
C ASP B 88 -19.04 36.37 -33.25
N ASN B 89 -18.59 37.63 -33.46
CA ASN B 89 -17.60 38.01 -34.47
C ASN B 89 -16.21 37.52 -34.06
N LEU B 90 -15.85 37.67 -32.77
CA LEU B 90 -14.59 37.20 -32.20
C LEU B 90 -14.56 35.67 -32.13
N LYS B 91 -15.73 35.04 -31.90
CA LYS B 91 -15.89 33.58 -31.87
C LYS B 91 -15.68 32.97 -33.26
N LYS B 92 -16.14 33.67 -34.33
CA LYS B 92 -15.99 33.26 -35.74
C LYS B 92 -14.54 33.44 -36.20
N MET B 93 -13.83 34.40 -35.57
CA MET B 93 -12.41 34.70 -35.85
C MET B 93 -11.52 33.57 -35.29
N VAL B 94 -11.93 32.94 -34.17
CA VAL B 94 -11.21 31.80 -33.56
C VAL B 94 -11.45 30.60 -34.48
N GLY B 95 -12.68 30.51 -35.01
CA GLY B 95 -13.10 29.47 -35.94
C GLY B 95 -12.25 29.45 -37.20
N LEU B 96 -11.99 30.65 -37.77
CA LEU B 96 -11.15 30.83 -38.95
C LEU B 96 -9.69 30.44 -38.63
N ARG B 97 -9.20 30.82 -37.43
CA ARG B 97 -7.85 30.51 -36.93
C ARG B 97 -7.58 29.00 -36.92
N ASN B 98 -8.56 28.19 -36.45
CA ASN B 98 -8.42 26.73 -36.40
C ASN B 98 -8.28 26.11 -37.79
N ILE B 99 -9.17 26.47 -38.72
CA ILE B 99 -9.13 25.95 -40.11
C ILE B 99 -7.93 26.52 -40.88
N ALA B 100 -7.46 27.73 -40.53
CA ALA B 100 -6.30 28.34 -41.21
C ALA B 100 -4.98 27.68 -40.81
N VAL B 101 -4.89 27.17 -39.55
CA VAL B 101 -3.70 26.53 -39.01
C VAL B 101 -3.73 24.99 -39.12
N HIS B 102 -4.71 24.35 -38.45
CA HIS B 102 -4.84 22.88 -38.36
C HIS B 102 -5.29 22.19 -39.65
N ASP B 103 -5.99 22.91 -40.56
CA ASP B 103 -6.47 22.34 -41.82
C ASP B 103 -6.37 23.36 -42.98
N ALA B 104 -5.16 23.93 -43.17
CA ALA B 104 -4.81 24.95 -44.17
C ALA B 104 -5.23 24.64 -45.61
N GLN B 105 -5.31 23.33 -45.97
CA GLN B 105 -5.70 22.88 -47.30
C GLN B 105 -7.20 23.09 -47.55
N GLU B 106 -8.02 22.97 -46.48
CA GLU B 106 -9.48 23.16 -46.50
C GLU B 106 -9.84 24.67 -46.41
N LEU B 107 -8.84 25.53 -46.10
CA LEU B 107 -9.02 26.97 -45.96
C LEU B 107 -9.28 27.68 -47.28
N ASN B 108 -10.30 28.55 -47.29
CA ASN B 108 -10.70 29.37 -48.41
C ASN B 108 -10.22 30.79 -48.11
N LEU B 109 -9.24 31.27 -48.90
CA LEU B 109 -8.61 32.59 -48.75
C LEU B 109 -9.57 33.78 -48.94
N ASP B 110 -10.71 33.57 -49.65
CA ASP B 110 -11.75 34.58 -49.90
C ASP B 110 -12.30 35.13 -48.56
N ILE B 111 -12.36 34.24 -47.54
CA ILE B 111 -12.81 34.55 -46.18
C ILE B 111 -11.69 35.31 -45.44
N VAL B 112 -10.43 34.89 -45.63
CA VAL B 112 -9.21 35.48 -45.01
C VAL B 112 -9.04 36.93 -45.49
N VAL B 113 -9.18 37.16 -46.83
CA VAL B 113 -9.09 38.48 -47.47
C VAL B 113 -10.16 39.42 -46.92
N HIS B 114 -11.42 38.91 -46.80
CA HIS B 114 -12.58 39.63 -46.25
C HIS B 114 -12.34 40.05 -44.80
N VAL B 115 -11.58 39.24 -44.03
CA VAL B 115 -11.22 39.51 -42.63
C VAL B 115 -10.18 40.65 -42.59
N VAL B 116 -9.13 40.56 -43.46
CA VAL B 116 -8.06 41.56 -43.58
C VAL B 116 -8.64 42.94 -43.96
N GLN B 117 -9.52 42.97 -44.98
CA GLN B 117 -10.12 44.19 -45.50
C GLN B 117 -11.23 44.80 -44.64
N HIS B 118 -12.08 43.96 -44.00
CA HIS B 118 -13.22 44.47 -43.24
C HIS B 118 -13.24 44.12 -41.75
N HIS B 119 -13.07 42.84 -41.40
CA HIS B 119 -13.17 42.35 -40.01
C HIS B 119 -11.92 42.57 -39.14
N LEU B 120 -10.89 43.27 -39.66
CA LEU B 120 -9.68 43.55 -38.87
C LEU B 120 -9.90 44.65 -37.82
N GLU B 121 -11.08 45.31 -37.86
CA GLU B 121 -11.47 46.36 -36.92
C GLU B 121 -12.21 45.79 -35.69
N ASP B 122 -12.63 44.50 -35.74
CA ASP B 122 -13.29 43.78 -34.65
C ASP B 122 -12.34 43.71 -33.44
N PHE B 123 -11.02 43.59 -33.72
CA PHE B 123 -9.96 43.55 -32.71
C PHE B 123 -9.77 44.94 -32.11
N GLU B 124 -9.82 45.99 -32.96
CA GLU B 124 -9.69 47.40 -32.57
C GLU B 124 -10.88 47.83 -31.70
N GLN B 125 -12.09 47.34 -32.04
CA GLN B 125 -13.34 47.58 -31.32
C GLN B 125 -13.24 46.97 -29.91
N PHE B 126 -12.69 45.74 -29.82
CA PHE B 126 -12.45 45.01 -28.57
C PHE B 126 -11.38 45.70 -27.73
N ILE B 127 -10.34 46.27 -28.39
CA ILE B 127 -9.22 46.99 -27.75
C ILE B 127 -9.70 48.26 -27.01
N ASP B 128 -10.75 48.93 -27.54
CA ASP B 128 -11.30 50.17 -26.98
C ASP B 128 -12.36 49.93 -25.89
N VAL B 129 -13.25 48.93 -26.09
CA VAL B 129 -14.32 48.57 -25.14
C VAL B 129 -13.73 48.02 -23.81
N ILE B 130 -12.51 47.43 -23.87
CA ILE B 130 -11.76 46.90 -22.73
C ILE B 130 -10.89 48.01 -22.12
N LYS B 131 -10.51 49.03 -22.94
CA LYS B 131 -9.73 50.19 -22.50
C LYS B 131 -10.60 51.09 -21.62
N ALA B 132 -11.93 51.12 -21.88
CA ALA B 132 -12.92 51.88 -21.11
C ALA B 132 -13.31 51.08 -19.84
N GLU B 133 -12.48 51.19 -18.78
CA GLU B 133 -12.65 50.49 -17.50
C GLU B 133 -13.40 51.34 -16.48
N ASN C 2 -6.32 4.75 -40.07
CA ASN C 2 -5.30 5.03 -41.07
C ASN C 2 -5.56 6.33 -41.84
N ASP C 3 -6.81 6.52 -42.33
CA ASP C 3 -7.30 7.66 -43.13
C ASP C 3 -6.90 9.06 -42.60
N ILE C 4 -6.89 9.25 -41.27
CA ILE C 4 -6.54 10.54 -40.65
C ILE C 4 -5.01 10.63 -40.37
N ILE C 5 -4.38 9.50 -39.99
CA ILE C 5 -2.93 9.42 -39.73
C ILE C 5 -2.14 9.76 -41.01
N ILE C 6 -2.60 9.28 -42.18
CA ILE C 6 -1.97 9.56 -43.48
C ILE C 6 -2.14 11.04 -43.87
N ASN C 7 -3.32 11.63 -43.60
CA ASN C 7 -3.64 13.03 -43.88
C ASN C 7 -2.68 13.95 -43.12
N LYS C 8 -2.40 13.62 -41.85
CA LYS C 8 -1.49 14.37 -40.97
C LYS C 8 -0.03 14.16 -41.38
N ILE C 9 0.31 12.98 -41.94
CA ILE C 9 1.66 12.66 -42.43
C ILE C 9 2.01 13.57 -43.63
N ALA C 10 1.01 13.82 -44.50
CA ALA C 10 1.11 14.67 -45.68
C ALA C 10 1.36 16.11 -45.25
N THR C 11 0.55 16.62 -44.28
CA THR C 11 0.67 17.98 -43.76
C THR C 11 2.05 18.23 -43.15
N ILE C 12 2.66 17.21 -42.49
CA ILE C 12 4.01 17.35 -41.92
C ILE C 12 5.03 17.43 -43.06
N LYS C 13 4.94 16.50 -44.04
CA LYS C 13 5.80 16.45 -45.24
C LYS C 13 5.75 17.77 -46.02
N ARG C 14 4.54 18.38 -46.16
CA ARG C 14 4.33 19.66 -46.85
C ARG C 14 4.99 20.79 -46.08
N CYS C 15 4.73 20.87 -44.76
CA CYS C 15 5.26 21.90 -43.87
C CYS C 15 6.78 21.86 -43.74
N ILE C 16 7.40 20.65 -43.74
CA ILE C 16 8.86 20.48 -43.69
C ILE C 16 9.48 21.13 -44.93
N LYS C 17 8.90 20.83 -46.11
CA LYS C 17 9.31 21.36 -47.43
C LYS C 17 9.12 22.88 -47.47
N ARG C 18 8.01 23.39 -46.88
CA ARG C 18 7.70 24.83 -46.80
C ARG C 18 8.69 25.57 -45.94
N ILE C 19 9.19 24.93 -44.85
CA ILE C 19 10.22 25.50 -43.97
C ILE C 19 11.50 25.69 -44.81
N GLN C 20 11.97 24.60 -45.43
CA GLN C 20 13.16 24.50 -46.28
C GLN C 20 13.16 25.54 -47.42
N GLN C 21 12.00 25.72 -48.10
CA GLN C 21 11.81 26.68 -49.19
C GLN C 21 11.90 28.14 -48.70
N VAL C 22 11.20 28.48 -47.60
CA VAL C 22 11.18 29.83 -47.03
C VAL C 22 12.53 30.20 -46.38
N TYR C 23 13.15 29.26 -45.65
CA TYR C 23 14.45 29.48 -45.00
C TYR C 23 15.60 29.58 -46.02
N GLY C 24 15.70 28.56 -46.89
CA GLY C 24 16.73 28.46 -47.92
C GLY C 24 18.14 28.46 -47.38
N ASP C 25 18.90 29.53 -47.70
CA ASP C 25 20.28 29.74 -47.26
C ASP C 25 20.35 30.11 -45.78
N GLY C 26 19.38 30.91 -45.33
CA GLY C 26 19.27 31.37 -43.95
C GLY C 26 19.84 32.75 -43.69
N SER C 27 20.57 33.32 -44.68
CA SER C 27 21.21 34.64 -44.62
C SER C 27 20.20 35.77 -44.42
N GLN C 28 19.13 35.76 -45.22
CA GLN C 28 18.04 36.75 -45.20
C GLN C 28 17.04 36.54 -44.05
N PHE C 29 16.89 35.27 -43.57
CA PHE C 29 15.97 34.85 -42.52
C PHE C 29 16.01 35.70 -41.25
N LYS C 30 17.21 35.92 -40.68
CA LYS C 30 17.42 36.70 -39.46
C LYS C 30 16.91 38.14 -39.53
N GLN C 31 16.82 38.72 -40.74
CA GLN C 31 16.34 40.09 -40.94
C GLN C 31 14.87 40.20 -41.38
N ASP C 32 14.42 39.33 -42.32
CA ASP C 32 13.03 39.37 -42.82
C ASP C 32 12.04 38.73 -41.85
N PHE C 33 11.09 39.54 -41.34
CA PHE C 33 10.05 39.14 -40.37
C PHE C 33 9.01 38.18 -40.96
N THR C 34 8.60 38.38 -42.23
CA THR C 34 7.60 37.54 -42.92
C THR C 34 8.13 36.12 -43.10
N LEU C 35 9.45 36.00 -43.30
CA LEU C 35 10.17 34.73 -43.44
C LEU C 35 10.13 33.96 -42.12
N GLN C 36 10.25 34.70 -41.00
CA GLN C 36 10.18 34.16 -39.64
C GLN C 36 8.76 33.71 -39.35
N ASP C 37 7.77 34.59 -39.65
CA ASP C 37 6.34 34.33 -39.46
C ASP C 37 5.87 33.07 -40.19
N SER C 38 6.40 32.84 -41.41
CA SER C 38 6.08 31.65 -42.21
C SER C 38 6.65 30.39 -41.57
N VAL C 39 7.96 30.41 -41.22
CA VAL C 39 8.68 29.29 -40.60
C VAL C 39 8.05 28.94 -39.23
N ILE C 40 7.79 29.94 -38.36
CA ILE C 40 7.15 29.74 -37.05
C ILE C 40 5.81 28.98 -37.18
N LEU C 41 4.95 29.39 -38.13
CA LEU C 41 3.66 28.77 -38.39
C LEU C 41 3.75 27.33 -38.90
N ASN C 42 4.67 27.06 -39.85
CA ASN C 42 4.84 25.70 -40.40
C ASN C 42 5.55 24.76 -39.41
N LEU C 43 6.18 25.32 -38.37
CA LEU C 43 6.79 24.54 -37.29
C LEU C 43 5.68 24.16 -36.31
N GLN C 44 4.76 25.13 -36.04
CA GLN C 44 3.58 24.97 -35.18
C GLN C 44 2.66 23.91 -35.78
N ARG C 45 2.40 23.99 -37.11
CA ARG C 45 1.57 23.04 -37.87
C ARG C 45 2.17 21.63 -37.84
N CYS C 46 3.51 21.54 -37.73
CA CYS C 46 4.24 20.28 -37.66
C CYS C 46 4.05 19.59 -36.32
N CYS C 47 4.28 20.29 -35.21
CA CYS C 47 4.11 19.67 -33.89
C CYS C 47 2.63 19.52 -33.52
N GLU C 48 1.75 20.37 -34.07
CA GLU C 48 0.31 20.25 -33.83
C GLU C 48 -0.26 19.03 -34.54
N ALA C 49 0.29 18.68 -35.73
CA ALA C 49 -0.11 17.49 -36.49
C ALA C 49 0.49 16.23 -35.88
N CYS C 50 1.65 16.38 -35.18
CA CYS C 50 2.33 15.29 -34.47
C CYS C 50 1.52 14.91 -33.23
N ILE C 51 0.98 15.94 -32.50
CA ILE C 51 0.11 15.75 -31.32
C ILE C 51 -1.18 15.05 -31.79
N ASP C 52 -1.73 15.51 -32.94
CA ASP C 52 -2.95 14.96 -33.55
C ASP C 52 -2.80 13.47 -33.87
N ILE C 53 -1.60 13.05 -34.36
CA ILE C 53 -1.28 11.64 -34.63
C ILE C 53 -1.21 10.87 -33.31
N ALA C 54 -0.42 11.38 -32.33
CA ALA C 54 -0.22 10.82 -30.99
C ALA C 54 -1.55 10.56 -30.28
N ASN C 55 -2.43 11.58 -30.22
CA ASN C 55 -3.78 11.52 -29.62
C ASN C 55 -4.68 10.49 -30.30
N HIS C 56 -4.46 10.22 -31.61
CA HIS C 56 -5.23 9.23 -32.35
C HIS C 56 -4.81 7.82 -31.94
N ILE C 57 -3.50 7.61 -31.72
CA ILE C 57 -2.93 6.34 -31.26
C ILE C 57 -3.36 6.09 -29.79
N ASN C 58 -3.35 7.15 -28.95
CA ASN C 58 -3.79 7.09 -27.54
C ASN C 58 -5.28 6.74 -27.44
N ARG C 59 -6.07 7.13 -28.47
CA ARG C 59 -7.52 6.87 -28.55
C ARG C 59 -7.81 5.44 -29.01
N GLN C 60 -7.21 5.01 -30.13
CA GLN C 60 -7.42 3.67 -30.71
C GLN C 60 -6.82 2.54 -29.87
N GLN C 61 -5.84 2.84 -29.01
CA GLN C 61 -5.18 1.85 -28.16
C GLN C 61 -5.43 2.05 -26.66
N GLN C 62 -6.24 3.06 -26.28
CA GLN C 62 -6.61 3.42 -24.90
C GLN C 62 -5.38 3.51 -23.97
N LEU C 63 -4.31 4.19 -24.44
CA LEU C 63 -3.05 4.35 -23.71
C LEU C 63 -3.15 5.20 -22.44
N GLY C 64 -4.05 6.18 -22.47
CA GLY C 64 -4.28 7.09 -21.35
C GLY C 64 -4.82 8.43 -21.76
N ILE C 65 -5.13 9.28 -20.77
CA ILE C 65 -5.63 10.64 -20.97
C ILE C 65 -4.49 11.66 -20.78
N PRO C 66 -4.13 12.44 -21.84
CA PRO C 66 -3.03 13.42 -21.68
C PRO C 66 -3.40 14.54 -20.72
N GLN C 67 -2.47 14.87 -19.81
CA GLN C 67 -2.65 15.91 -18.79
C GLN C 67 -2.02 17.21 -19.26
N SER C 68 -1.28 17.14 -20.39
CA SER C 68 -0.58 18.21 -21.08
C SER C 68 -0.42 17.83 -22.55
N SER C 69 -0.08 18.80 -23.42
CA SER C 69 0.14 18.55 -24.85
C SER C 69 1.38 17.67 -25.02
N ARG C 70 2.39 17.87 -24.14
CA ARG C 70 3.64 17.11 -24.06
C ARG C 70 3.34 15.64 -23.70
N ASP C 71 2.30 15.41 -22.85
CA ASP C 71 1.86 14.11 -22.38
C ASP C 71 1.44 13.15 -23.51
N SER C 72 1.07 13.69 -24.69
CA SER C 72 0.68 12.94 -25.89
C SER C 72 1.82 12.03 -26.38
N PHE C 73 3.07 12.52 -26.30
CA PHE C 73 4.27 11.79 -26.69
C PHE C 73 4.78 10.91 -25.54
N THR C 74 4.51 11.33 -24.28
CA THR C 74 4.86 10.63 -23.05
C THR C 74 4.16 9.26 -23.03
N LEU C 75 2.87 9.22 -23.41
CA LEU C 75 2.05 8.00 -23.47
C LEU C 75 2.56 7.01 -24.54
N LEU C 76 3.06 7.51 -25.68
CA LEU C 76 3.61 6.66 -26.74
C LEU C 76 4.96 6.07 -26.30
N ALA C 77 5.80 6.90 -25.62
CA ALA C 77 7.10 6.49 -25.10
C ALA C 77 6.96 5.49 -23.95
N GLN C 78 5.97 5.70 -23.05
CA GLN C 78 5.65 4.81 -21.93
C GLN C 78 5.20 3.44 -22.45
N ASN C 79 4.45 3.43 -23.58
CA ASN C 79 3.96 2.21 -24.23
C ASN C 79 4.92 1.70 -25.34
N ASN C 80 6.20 2.16 -25.28
CA ASN C 80 7.33 1.80 -26.15
C ASN C 80 7.05 1.88 -27.67
N LEU C 81 6.09 2.74 -28.08
CA LEU C 81 5.73 2.93 -29.49
C LEU C 81 6.70 3.89 -30.19
N ILE C 82 7.28 4.83 -29.42
CA ILE C 82 8.31 5.79 -29.87
C ILE C 82 9.50 5.73 -28.90
N THR C 83 10.72 5.86 -29.43
CA THR C 83 11.94 5.81 -28.60
C THR C 83 12.00 7.03 -27.67
N GLN C 84 12.50 6.83 -26.44
CA GLN C 84 12.61 7.87 -25.40
C GLN C 84 13.32 9.16 -25.86
N PRO C 85 14.51 9.13 -26.54
CA PRO C 85 15.12 10.41 -26.98
C PRO C 85 14.27 11.21 -27.97
N LEU C 86 13.49 10.52 -28.84
CA LEU C 86 12.59 11.13 -29.82
C LEU C 86 11.41 11.81 -29.12
N SER C 87 10.89 11.17 -28.05
CA SER C 87 9.80 11.65 -27.22
C SER C 87 10.18 12.98 -26.57
N ASP C 88 11.42 13.06 -26.04
CA ASP C 88 11.97 14.24 -25.39
C ASP C 88 12.10 15.40 -26.39
N ASN C 89 12.59 15.10 -27.62
CA ASN C 89 12.74 16.07 -28.70
C ASN C 89 11.38 16.63 -29.14
N LEU C 90 10.39 15.74 -29.41
CA LEU C 90 9.04 16.13 -29.81
C LEU C 90 8.32 16.96 -28.73
N LYS C 91 8.64 16.71 -27.44
CA LYS C 91 8.09 17.48 -26.32
C LYS C 91 8.74 18.88 -26.28
N LYS C 92 10.02 18.99 -26.72
CA LYS C 92 10.75 20.27 -26.79
C LYS C 92 10.11 21.17 -27.86
N MET C 93 9.58 20.56 -28.96
CA MET C 93 8.90 21.22 -30.08
C MET C 93 7.61 21.90 -29.61
N VAL C 94 6.88 21.25 -28.67
CA VAL C 94 5.63 21.74 -28.08
C VAL C 94 5.94 23.05 -27.34
N GLY C 95 7.06 23.06 -26.60
CA GLY C 95 7.56 24.21 -25.86
C GLY C 95 7.75 25.42 -26.75
N LEU C 96 8.30 25.20 -27.97
CA LEU C 96 8.51 26.22 -28.99
C LEU C 96 7.17 26.80 -29.46
N ARG C 97 6.18 25.93 -29.71
CA ARG C 97 4.83 26.31 -30.14
C ARG C 97 4.14 27.22 -29.12
N ASN C 98 4.17 26.83 -27.82
CA ASN C 98 3.57 27.56 -26.69
C ASN C 98 4.13 28.98 -26.52
N ILE C 99 5.43 29.17 -26.82
CA ILE C 99 6.11 30.47 -26.76
C ILE C 99 5.81 31.27 -28.05
N ALA C 100 5.88 30.60 -29.22
CA ALA C 100 5.67 31.19 -30.55
C ALA C 100 4.20 31.47 -30.93
N VAL C 101 3.22 31.04 -30.09
CA VAL C 101 1.79 31.29 -30.35
C VAL C 101 1.46 32.78 -30.10
N HIS C 102 2.26 33.44 -29.23
CA HIS C 102 2.19 34.86 -28.87
C HIS C 102 3.08 35.66 -29.84
N ASP C 103 3.27 36.98 -29.58
CA ASP C 103 4.11 37.87 -30.40
C ASP C 103 5.60 37.50 -30.26
N ALA C 104 6.41 37.79 -31.30
CA ALA C 104 7.84 37.52 -31.31
C ALA C 104 8.58 38.58 -30.45
N GLN C 105 8.40 38.47 -29.12
CA GLN C 105 9.00 39.34 -28.11
C GLN C 105 9.83 38.49 -27.14
N GLU C 106 9.36 37.25 -26.87
CA GLU C 106 10.05 36.23 -26.06
C GLU C 106 10.87 35.36 -27.04
N LEU C 107 11.35 36.01 -28.13
CA LEU C 107 12.08 35.46 -29.26
C LEU C 107 13.42 34.81 -28.91
N ASN C 108 13.73 33.77 -29.68
CA ASN C 108 14.99 33.03 -29.65
C ASN C 108 15.15 32.45 -31.04
N LEU C 109 15.49 33.34 -32.00
CA LEU C 109 15.70 33.05 -33.41
C LEU C 109 16.77 31.97 -33.59
N ASP C 110 17.75 31.94 -32.66
CA ASP C 110 18.83 30.96 -32.60
C ASP C 110 18.26 29.56 -32.35
N ILE C 111 17.20 29.48 -31.51
CA ILE C 111 16.49 28.23 -31.19
C ILE C 111 15.66 27.78 -32.40
N VAL C 112 15.02 28.76 -33.11
CA VAL C 112 14.22 28.52 -34.33
C VAL C 112 15.15 27.98 -35.44
N VAL C 113 16.34 28.61 -35.61
CA VAL C 113 17.36 28.24 -36.61
C VAL C 113 17.90 26.83 -36.34
N HIS C 114 18.19 26.49 -35.06
CA HIS C 114 18.69 25.17 -34.65
C HIS C 114 17.70 24.04 -34.93
N VAL C 115 16.38 24.32 -34.79
CA VAL C 115 15.30 23.36 -35.05
C VAL C 115 15.20 23.08 -36.57
N VAL C 116 15.37 24.13 -37.41
CA VAL C 116 15.35 24.04 -38.87
C VAL C 116 16.58 23.24 -39.37
N GLN C 117 17.75 23.48 -38.75
CA GLN C 117 19.02 22.87 -39.13
C GLN C 117 19.24 21.43 -38.63
N HIS C 118 19.10 21.20 -37.31
CA HIS C 118 19.40 19.87 -36.74
C HIS C 118 18.23 19.20 -35.98
N HIS C 119 16.98 19.67 -36.16
CA HIS C 119 15.87 19.05 -35.45
C HIS C 119 14.63 18.73 -36.33
N LEU C 120 14.62 19.12 -37.63
CA LEU C 120 13.50 18.79 -38.52
C LEU C 120 13.48 17.26 -38.81
N GLU C 121 14.62 16.59 -38.57
CA GLU C 121 14.84 15.14 -38.73
C GLU C 121 13.94 14.37 -37.78
N ASP C 122 13.65 14.94 -36.59
CA ASP C 122 12.80 14.38 -35.54
C ASP C 122 11.35 14.17 -35.99
N PHE C 123 10.79 15.14 -36.77
CA PHE C 123 9.43 15.04 -37.32
C PHE C 123 9.37 13.90 -38.34
N GLU C 124 10.41 13.80 -39.22
CA GLU C 124 10.55 12.76 -40.25
C GLU C 124 10.74 11.38 -39.61
N GLN C 125 11.58 11.31 -38.54
CA GLN C 125 11.87 10.11 -37.75
C GLN C 125 10.58 9.60 -37.09
N PHE C 126 9.72 10.52 -36.63
CA PHE C 126 8.42 10.20 -36.03
C PHE C 126 7.50 9.53 -37.06
N ILE C 127 7.44 10.06 -38.31
CA ILE C 127 6.64 9.49 -39.42
C ILE C 127 7.09 8.04 -39.72
N ASP C 128 8.43 7.79 -39.69
CA ASP C 128 9.06 6.49 -39.94
C ASP C 128 8.70 5.39 -38.92
N VAL C 129 8.27 5.77 -37.70
CA VAL C 129 7.88 4.81 -36.68
C VAL C 129 6.34 4.63 -36.62
N ILE C 130 5.55 5.65 -37.04
CA ILE C 130 4.09 5.55 -37.08
C ILE C 130 3.67 4.66 -38.25
N LYS C 131 4.44 4.69 -39.37
CA LYS C 131 4.15 3.86 -40.55
C LYS C 131 4.18 2.34 -40.22
N ALA C 132 5.02 1.93 -39.22
CA ALA C 132 5.09 0.55 -38.73
C ALA C 132 3.99 0.34 -37.66
N GLU C 133 2.73 0.18 -38.14
CA GLU C 133 1.54 -0.01 -37.32
C GLU C 133 1.41 -1.46 -36.84
N MET D 1 11.38 -7.99 23.52
CA MET D 1 10.76 -8.84 24.55
C MET D 1 9.34 -9.29 24.18
N ASN D 2 8.47 -8.34 23.79
CA ASN D 2 7.10 -8.62 23.37
C ASN D 2 7.11 -9.28 21.98
N ASP D 3 6.10 -10.12 21.71
CA ASP D 3 5.96 -10.77 20.40
C ASP D 3 5.63 -9.76 19.30
N ILE D 4 5.11 -8.57 19.68
CA ILE D 4 4.81 -7.49 18.72
C ILE D 4 6.16 -6.94 18.20
N ILE D 5 7.06 -6.59 19.13
CA ILE D 5 8.40 -6.09 18.81
C ILE D 5 9.18 -7.10 17.95
N ILE D 6 9.19 -8.38 18.35
CA ILE D 6 9.89 -9.46 17.64
C ILE D 6 9.39 -9.59 16.18
N ASN D 7 8.06 -9.78 16.02
CA ASN D 7 7.41 -9.99 14.74
C ASN D 7 7.45 -8.77 13.84
N LYS D 8 7.28 -7.56 14.40
CA LYS D 8 7.34 -6.34 13.59
C LYS D 8 8.77 -6.13 13.07
N ILE D 9 9.81 -6.49 13.87
CA ILE D 9 11.23 -6.45 13.47
C ILE D 9 11.46 -7.50 12.36
N ALA D 10 10.88 -8.71 12.53
CA ALA D 10 10.97 -9.80 11.56
C ALA D 10 10.35 -9.39 10.21
N THR D 11 9.20 -8.67 10.26
CA THR D 11 8.49 -8.14 9.10
C THR D 11 9.39 -7.18 8.33
N ILE D 12 10.03 -6.20 9.02
CA ILE D 12 10.91 -5.21 8.40
C ILE D 12 12.09 -5.91 7.69
N LYS D 13 12.75 -6.85 8.38
CA LYS D 13 13.87 -7.64 7.84
C LYS D 13 13.48 -8.36 6.55
N ARG D 14 12.32 -9.06 6.58
CA ARG D 14 11.76 -9.80 5.45
C ARG D 14 11.42 -8.87 4.30
N CYS D 15 10.76 -7.72 4.60
CA CYS D 15 10.38 -6.73 3.60
C CYS D 15 11.58 -6.06 2.96
N ILE D 16 12.66 -5.80 3.74
CA ILE D 16 13.90 -5.21 3.24
C ILE D 16 14.58 -6.16 2.25
N LYS D 17 14.71 -7.45 2.64
CA LYS D 17 15.27 -8.52 1.80
C LYS D 17 14.53 -8.53 0.46
N ARG D 18 13.18 -8.65 0.51
CA ARG D 18 12.30 -8.65 -0.66
C ARG D 18 12.46 -7.39 -1.55
N ILE D 19 12.71 -6.20 -0.95
CA ILE D 19 12.93 -4.95 -1.69
C ILE D 19 14.25 -5.07 -2.48
N GLN D 20 15.31 -5.56 -1.83
CA GLN D 20 16.65 -5.77 -2.38
C GLN D 20 16.67 -6.85 -3.48
N GLN D 21 15.93 -7.97 -3.26
CA GLN D 21 15.82 -9.11 -4.18
C GLN D 21 15.13 -8.73 -5.48
N VAL D 22 14.04 -7.93 -5.39
CA VAL D 22 13.23 -7.49 -6.53
C VAL D 22 13.97 -6.43 -7.35
N TYR D 23 14.42 -5.33 -6.69
CA TYR D 23 15.13 -4.22 -7.33
C TYR D 23 16.44 -4.68 -8.03
N GLY D 24 17.33 -5.33 -7.28
CA GLY D 24 18.62 -5.83 -7.78
C GLY D 24 19.54 -4.71 -8.22
N ASP D 25 19.76 -4.61 -9.55
CA ASP D 25 20.60 -3.57 -10.17
C ASP D 25 19.78 -2.32 -10.50
N GLY D 26 18.52 -2.52 -10.87
CA GLY D 26 17.58 -1.45 -11.21
C GLY D 26 17.24 -1.33 -12.68
N SER D 27 17.88 -2.16 -13.54
CA SER D 27 17.70 -2.19 -15.00
C SER D 27 16.26 -2.51 -15.42
N GLN D 28 15.74 -3.67 -14.98
CA GLN D 28 14.40 -4.17 -15.29
C GLN D 28 13.29 -3.49 -14.45
N PHE D 29 13.69 -2.65 -13.47
CA PHE D 29 12.80 -1.96 -12.54
C PHE D 29 11.88 -0.93 -13.21
N LYS D 30 12.44 0.00 -14.01
CA LYS D 30 11.68 1.07 -14.66
C LYS D 30 10.71 0.61 -15.77
N GLN D 31 10.82 -0.66 -16.21
CA GLN D 31 10.00 -1.25 -17.28
C GLN D 31 8.80 -2.05 -16.76
N ASP D 32 9.03 -2.98 -15.82
CA ASP D 32 8.00 -3.84 -15.24
C ASP D 32 7.35 -3.17 -14.01
N PHE D 33 6.04 -2.84 -14.11
CA PHE D 33 5.30 -2.20 -13.02
C PHE D 33 5.11 -3.15 -11.82
N THR D 34 5.13 -4.46 -12.07
CA THR D 34 5.00 -5.56 -11.10
C THR D 34 6.14 -5.45 -10.07
N LEU D 35 7.36 -5.15 -10.54
CA LEU D 35 8.54 -5.00 -9.70
C LEU D 35 8.46 -3.69 -8.88
N GLN D 36 7.90 -2.61 -9.49
CA GLN D 36 7.69 -1.31 -8.85
C GLN D 36 6.67 -1.44 -7.73
N ASP D 37 5.52 -2.11 -8.01
CA ASP D 37 4.41 -2.34 -7.09
C ASP D 37 4.81 -3.10 -5.85
N SER D 38 5.66 -4.13 -6.00
CA SER D 38 6.19 -4.96 -4.93
C SER D 38 7.08 -4.16 -3.97
N VAL D 39 7.98 -3.33 -4.52
CA VAL D 39 8.91 -2.47 -3.76
C VAL D 39 8.12 -1.47 -2.90
N ILE D 40 7.13 -0.79 -3.51
CA ILE D 40 6.29 0.20 -2.84
C ILE D 40 5.50 -0.43 -1.68
N LEU D 41 4.83 -1.57 -1.93
CA LEU D 41 4.06 -2.24 -0.91
C LEU D 41 4.95 -2.64 0.26
N ASN D 42 6.11 -3.26 -0.01
CA ASN D 42 7.06 -3.65 1.02
C ASN D 42 7.66 -2.45 1.76
N LEU D 43 7.67 -1.26 1.13
CA LEU D 43 8.13 -0.02 1.74
C LEU D 43 7.05 0.48 2.71
N GLN D 44 5.76 0.42 2.29
CA GLN D 44 4.58 0.78 3.09
C GLN D 44 4.47 -0.12 4.33
N ARG D 45 4.86 -1.40 4.17
CA ARG D 45 4.86 -2.40 5.23
C ARG D 45 5.96 -2.10 6.24
N CYS D 46 7.07 -1.46 5.80
CA CYS D 46 8.18 -1.08 6.67
C CYS D 46 7.77 0.13 7.49
N CYS D 47 7.11 1.12 6.85
CA CYS D 47 6.62 2.33 7.53
C CYS D 47 5.67 1.94 8.66
N GLU D 48 4.66 1.09 8.36
CA GLU D 48 3.65 0.63 9.32
C GLU D 48 4.24 -0.15 10.49
N ALA D 49 5.17 -1.08 10.21
CA ALA D 49 5.82 -1.87 11.26
C ALA D 49 6.62 -0.99 12.22
N CYS D 50 7.26 0.07 11.70
CA CYS D 50 8.03 1.05 12.49
C CYS D 50 7.09 1.86 13.39
N ILE D 51 6.01 2.41 12.81
CA ILE D 51 4.99 3.17 13.53
C ILE D 51 4.38 2.28 14.63
N ASP D 52 4.10 1.00 14.32
CA ASP D 52 3.56 0.05 15.29
C ASP D 52 4.53 -0.24 16.43
N ILE D 53 5.85 -0.32 16.16
CA ILE D 53 6.91 -0.51 17.18
C ILE D 53 6.97 0.75 18.06
N ALA D 54 6.93 1.94 17.42
CA ALA D 54 6.96 3.25 18.07
C ALA D 54 5.79 3.39 19.06
N ASN D 55 4.55 3.14 18.58
CA ASN D 55 3.30 3.19 19.34
C ASN D 55 3.31 2.24 20.54
N HIS D 56 3.91 1.04 20.38
CA HIS D 56 4.01 0.03 21.44
C HIS D 56 4.99 0.46 22.50
N ILE D 57 6.13 1.07 22.12
CA ILE D 57 7.15 1.55 23.06
C ILE D 57 6.62 2.76 23.83
N ASN D 58 5.90 3.67 23.16
CA ASN D 58 5.32 4.85 23.82
C ASN D 58 4.29 4.47 24.90
N ARG D 59 3.49 3.40 24.66
CA ARG D 59 2.49 2.91 25.60
C ARG D 59 3.16 2.21 26.80
N GLN D 60 4.00 1.18 26.51
CA GLN D 60 4.74 0.39 27.49
C GLN D 60 5.60 1.26 28.41
N GLN D 61 6.45 2.13 27.83
CA GLN D 61 7.32 3.05 28.57
C GLN D 61 6.57 4.27 29.15
N GLN D 62 5.26 4.40 28.83
CA GLN D 62 4.36 5.48 29.27
C GLN D 62 4.96 6.86 29.01
N LEU D 63 5.20 7.17 27.70
CA LEU D 63 5.82 8.41 27.22
C LEU D 63 4.82 9.44 26.72
N GLY D 64 3.56 9.03 26.61
CA GLY D 64 2.47 9.88 26.13
C GLY D 64 1.67 9.23 25.02
N ILE D 65 0.51 9.82 24.72
CA ILE D 65 -0.36 9.33 23.65
C ILE D 65 0.05 10.05 22.35
N PRO D 66 0.59 9.32 21.34
CA PRO D 66 0.99 9.98 20.07
C PRO D 66 -0.20 10.65 19.41
N GLN D 67 -0.04 11.92 19.03
CA GLN D 67 -1.12 12.70 18.41
C GLN D 67 -1.25 12.46 16.90
N SER D 68 -0.28 11.72 16.31
CA SER D 68 -0.18 11.34 14.89
C SER D 68 0.90 10.26 14.76
N SER D 69 1.11 9.73 13.53
CA SER D 69 2.12 8.71 13.23
C SER D 69 3.52 9.32 13.36
N ARG D 70 3.65 10.62 13.03
CA ARG D 70 4.90 11.36 13.13
C ARG D 70 5.22 11.68 14.59
N ASP D 71 4.20 12.06 15.39
CA ASP D 71 4.33 12.36 16.82
C ASP D 71 4.85 11.15 17.62
N SER D 72 4.56 9.94 17.12
CA SER D 72 5.00 8.65 17.67
C SER D 72 6.54 8.59 17.72
N PHE D 73 7.21 9.12 16.67
CA PHE D 73 8.67 9.18 16.59
C PHE D 73 9.22 10.34 17.39
N THR D 74 8.43 11.42 17.54
CA THR D 74 8.80 12.61 18.33
C THR D 74 8.92 12.24 19.82
N LEU D 75 7.96 11.44 20.34
CA LEU D 75 7.96 11.01 21.75
C LEU D 75 9.16 10.14 22.07
N LEU D 76 9.61 9.32 21.10
CA LEU D 76 10.77 8.45 21.23
C LEU D 76 12.06 9.26 21.26
N ALA D 77 12.16 10.28 20.37
CA ALA D 77 13.30 11.18 20.25
C ALA D 77 13.43 12.08 21.48
N GLN D 78 12.27 12.55 22.02
CA GLN D 78 12.18 13.39 23.21
C GLN D 78 12.71 12.70 24.46
N ASN D 79 12.57 11.37 24.51
CA ASN D 79 13.04 10.53 25.62
C ASN D 79 14.42 9.93 25.30
N ASN D 80 15.02 10.35 24.17
CA ASN D 80 16.35 9.97 23.67
C ASN D 80 16.49 8.44 23.43
N LEU D 81 15.38 7.78 23.05
CA LEU D 81 15.39 6.34 22.72
C LEU D 81 15.88 6.17 21.31
N ILE D 82 15.67 7.20 20.46
CA ILE D 82 16.16 7.33 19.08
C ILE D 82 16.74 8.74 18.90
N THR D 83 17.75 8.87 18.03
CA THR D 83 18.39 10.16 17.76
C THR D 83 17.43 11.05 16.93
N GLN D 84 17.59 12.38 17.02
CA GLN D 84 16.80 13.34 16.24
C GLN D 84 16.98 13.09 14.73
N PRO D 85 18.21 12.84 14.17
CA PRO D 85 18.30 12.51 12.73
C PRO D 85 17.48 11.27 12.37
N LEU D 86 17.56 10.18 13.20
CA LEU D 86 16.79 8.94 12.97
C LEU D 86 15.29 9.22 12.95
N SER D 87 14.81 9.95 13.97
CA SER D 87 13.43 10.41 14.13
C SER D 87 12.92 11.11 12.85
N ASP D 88 13.67 12.13 12.37
CA ASP D 88 13.36 12.90 11.17
C ASP D 88 13.33 12.01 9.93
N ASN D 89 14.27 11.06 9.79
CA ASN D 89 14.31 10.16 8.64
C ASN D 89 13.12 9.20 8.60
N LEU D 90 12.78 8.58 9.75
CA LEU D 90 11.64 7.67 9.91
C LEU D 90 10.32 8.42 9.64
N LYS D 91 10.26 9.73 9.99
CA LYS D 91 9.11 10.59 9.70
C LYS D 91 8.96 10.83 8.19
N LYS D 92 10.09 10.90 7.42
CA LYS D 92 10.05 11.08 5.96
C LYS D 92 9.35 9.89 5.32
N MET D 93 9.54 8.70 5.92
CA MET D 93 8.93 7.45 5.47
C MET D 93 7.44 7.42 5.75
N VAL D 94 6.94 8.20 6.75
CA VAL D 94 5.52 8.28 7.10
C VAL D 94 4.73 8.80 5.89
N GLY D 95 5.34 9.71 5.14
CA GLY D 95 4.75 10.30 3.93
C GLY D 95 4.80 9.40 2.71
N LEU D 96 5.54 8.28 2.80
CA LEU D 96 5.70 7.28 1.74
C LEU D 96 4.49 6.33 1.57
N ARG D 97 3.57 6.33 2.55
CA ARG D 97 2.34 5.52 2.50
C ARG D 97 1.34 6.12 1.48
N ASN D 98 1.47 7.44 1.23
CA ASN D 98 0.63 8.28 0.36
C ASN D 98 1.08 8.35 -1.11
N ILE D 99 2.35 7.99 -1.42
CA ILE D 99 2.92 8.10 -2.78
C ILE D 99 2.34 7.10 -3.79
N ALA D 100 2.16 5.83 -3.39
CA ALA D 100 1.67 4.77 -4.28
C ALA D 100 0.26 5.01 -4.76
N VAL D 101 -0.66 5.20 -3.81
CA VAL D 101 -2.07 5.36 -4.05
C VAL D 101 -2.41 6.73 -4.65
N HIS D 102 -2.59 7.78 -3.82
CA HIS D 102 -2.95 9.13 -4.25
C HIS D 102 -1.85 9.82 -5.05
N ASP D 103 -1.76 9.48 -6.36
CA ASP D 103 -0.80 10.01 -7.35
C ASP D 103 -1.17 9.46 -8.75
N ALA D 104 -0.35 8.50 -9.25
CA ALA D 104 -0.47 7.78 -10.52
C ALA D 104 0.38 6.51 -10.37
N ASN D 108 7.13 9.60 -10.30
CA ASN D 108 7.40 9.53 -8.85
C ASN D 108 8.12 8.21 -8.48
N LEU D 109 8.86 7.63 -9.45
CA LEU D 109 9.65 6.42 -9.30
C LEU D 109 11.08 6.76 -8.87
N ASP D 110 11.53 8.00 -9.16
CA ASP D 110 12.86 8.50 -8.77
C ASP D 110 12.96 8.55 -7.25
N ILE D 111 11.84 8.94 -6.59
CA ILE D 111 11.70 9.02 -5.13
C ILE D 111 11.83 7.60 -4.55
N VAL D 112 11.09 6.62 -5.12
CA VAL D 112 11.10 5.21 -4.71
C VAL D 112 12.52 4.64 -4.76
N VAL D 113 13.25 4.89 -5.87
CA VAL D 113 14.65 4.47 -6.11
C VAL D 113 15.59 5.10 -5.06
N HIS D 114 15.40 6.41 -4.75
CA HIS D 114 16.17 7.17 -3.77
C HIS D 114 16.05 6.52 -2.40
N VAL D 115 14.82 6.15 -2.00
CA VAL D 115 14.52 5.51 -0.72
C VAL D 115 15.19 4.13 -0.62
N VAL D 116 15.15 3.33 -1.70
CA VAL D 116 15.78 2.00 -1.76
C VAL D 116 17.31 2.10 -1.58
N GLN D 117 17.93 3.04 -2.31
CA GLN D 117 19.37 3.26 -2.31
C GLN D 117 19.92 3.96 -1.07
N HIS D 118 19.15 4.88 -0.44
CA HIS D 118 19.67 5.69 0.68
C HIS D 118 18.88 5.65 2.00
N HIS D 119 17.61 5.21 2.01
CA HIS D 119 16.80 5.24 3.23
C HIS D 119 16.38 3.86 3.80
N LEU D 120 16.82 2.72 3.20
CA LEU D 120 16.52 1.39 3.78
C LEU D 120 17.30 1.21 5.09
N GLU D 121 18.46 1.89 5.18
CA GLU D 121 19.40 1.93 6.31
C GLU D 121 18.70 2.44 7.58
N ASP D 122 17.74 3.36 7.42
CA ASP D 122 16.95 3.96 8.51
C ASP D 122 16.13 2.91 9.26
N PHE D 123 15.50 1.97 8.53
CA PHE D 123 14.70 0.89 9.12
C PHE D 123 15.64 -0.05 9.86
N GLU D 124 16.82 -0.36 9.27
CA GLU D 124 17.85 -1.22 9.87
C GLU D 124 18.44 -0.57 11.13
N GLN D 125 18.63 0.77 11.12
CA GLN D 125 19.12 1.57 12.24
C GLN D 125 18.15 1.47 13.41
N PHE D 126 16.83 1.62 13.12
CA PHE D 126 15.72 1.55 14.07
C PHE D 126 15.61 0.17 14.70
N ILE D 127 15.75 -0.91 13.89
CA ILE D 127 15.73 -2.32 14.32
C ILE D 127 16.81 -2.55 15.39
N ASP D 128 18.06 -2.12 15.10
CA ASP D 128 19.22 -2.28 15.98
C ASP D 128 19.08 -1.50 17.27
N VAL D 129 18.49 -0.29 17.20
CA VAL D 129 18.24 0.59 18.35
C VAL D 129 17.22 -0.06 19.29
N ILE D 130 16.11 -0.60 18.74
CA ILE D 130 15.04 -1.26 19.50
C ILE D 130 15.52 -2.60 20.10
N LYS D 131 16.36 -3.37 19.36
CA LYS D 131 16.96 -4.64 19.79
C LYS D 131 17.60 -4.56 21.19
N ALA D 132 18.32 -3.45 21.47
CA ALA D 132 18.95 -3.17 22.76
C ALA D 132 17.89 -2.54 23.70
N GLU D 133 17.34 -3.37 24.61
CA GLU D 133 16.30 -3.02 25.57
C GLU D 133 16.84 -2.70 26.97
N GLN E 3 -18.42 4.68 23.68
CA GLN E 3 -17.35 4.66 22.68
C GLN E 3 -17.56 3.49 21.71
N LEU E 4 -17.42 2.25 22.22
CA LEU E 4 -17.52 1.02 21.44
C LEU E 4 -18.75 0.19 21.86
N ASN E 5 -19.67 -0.02 20.91
CA ASN E 5 -20.88 -0.80 21.15
C ASN E 5 -20.56 -2.29 21.17
N GLU E 6 -20.32 -2.81 22.38
CA GLU E 6 -20.00 -4.22 22.60
C GLU E 6 -21.22 -5.10 22.37
N ASN E 7 -22.44 -4.59 22.66
CA ASN E 7 -23.70 -5.32 22.46
C ASN E 7 -23.92 -5.61 20.98
N LYS E 8 -23.61 -4.63 20.11
CA LYS E 8 -23.71 -4.75 18.65
C LYS E 8 -22.75 -5.85 18.18
N ILE E 9 -21.48 -5.83 18.69
CA ILE E 9 -20.44 -6.82 18.40
C ILE E 9 -20.92 -8.22 18.74
N ILE E 10 -21.44 -8.42 19.99
CA ILE E 10 -21.97 -9.70 20.47
C ILE E 10 -23.14 -10.17 19.59
N LYS E 11 -24.14 -9.29 19.34
CA LYS E 11 -25.32 -9.57 18.52
C LYS E 11 -24.94 -10.03 17.10
N LEU E 12 -24.16 -9.20 16.36
CA LEU E 12 -23.71 -9.50 15.00
C LEU E 12 -22.94 -10.82 14.86
N LEU E 13 -22.02 -11.13 15.80
CA LEU E 13 -21.24 -12.36 15.75
C LEU E 13 -22.10 -13.57 16.08
N ARG E 14 -22.98 -13.45 17.09
CA ARG E 14 -23.90 -14.51 17.50
C ARG E 14 -24.89 -14.83 16.38
N ASP E 15 -25.38 -13.79 15.68
CA ASP E 15 -26.31 -13.89 14.55
C ASP E 15 -25.67 -14.45 13.29
N ASN E 16 -24.32 -14.48 13.18
CA ASN E 16 -23.64 -14.92 11.96
C ASN E 16 -22.74 -16.14 12.11
N ILE E 17 -22.28 -16.43 13.34
CA ILE E 17 -21.42 -17.59 13.56
C ILE E 17 -22.20 -18.74 14.22
N PRO E 18 -22.31 -19.90 13.53
CA PRO E 18 -22.96 -21.06 14.15
C PRO E 18 -22.04 -21.71 15.19
N LYS E 19 -22.65 -22.25 16.26
CA LYS E 19 -21.98 -22.94 17.38
C LYS E 19 -20.83 -22.11 17.97
N LEU E 20 -21.08 -20.79 18.13
CA LEU E 20 -20.14 -19.82 18.69
C LEU E 20 -19.94 -20.14 20.17
N GLN E 21 -18.69 -20.08 20.62
CA GLN E 21 -18.30 -20.41 22.00
C GLN E 21 -17.73 -19.23 22.75
N LEU E 22 -16.80 -18.46 22.13
CA LEU E 22 -16.16 -17.32 22.79
C LEU E 22 -16.01 -16.12 21.88
N ILE E 23 -16.20 -14.91 22.44
CA ILE E 23 -15.96 -13.61 21.79
C ILE E 23 -15.00 -12.86 22.71
N TYR E 24 -13.88 -12.35 22.13
CA TYR E 24 -12.89 -11.55 22.83
C TYR E 24 -12.64 -10.26 22.06
N LEU E 25 -12.40 -9.17 22.79
CA LEU E 25 -11.99 -7.86 22.27
C LEU E 25 -10.53 -7.80 22.72
N PHE E 26 -9.58 -7.49 21.82
CA PHE E 26 -8.17 -7.57 22.24
C PHE E 26 -7.18 -6.52 21.65
N GLY E 27 -7.65 -5.48 20.99
CA GLY E 27 -6.70 -4.51 20.45
C GLY E 27 -6.32 -3.42 21.42
N SER E 28 -6.34 -2.18 20.94
CA SER E 28 -6.09 -1.00 21.74
C SER E 28 -7.34 -0.75 22.59
N TYR E 29 -8.54 -1.01 22.02
CA TYR E 29 -9.86 -0.87 22.64
C TYR E 29 -9.99 -1.63 23.96
N SER E 30 -9.44 -2.86 24.04
CA SER E 30 -9.49 -3.68 25.25
C SER E 30 -8.62 -3.08 26.37
N GLN E 31 -7.65 -2.23 26.01
CA GLN E 31 -6.71 -1.58 26.93
C GLN E 31 -7.08 -0.12 27.23
N GLY E 32 -7.87 0.49 26.35
CA GLY E 32 -8.31 1.87 26.45
C GLY E 32 -7.41 2.85 25.70
N THR E 33 -6.30 2.32 25.12
CA THR E 33 -5.30 3.06 24.34
C THR E 33 -5.79 3.34 22.89
N GLN E 34 -7.10 3.14 22.69
CA GLN E 34 -7.82 3.31 21.43
C GLN E 34 -7.78 4.73 20.91
N HIS E 35 -6.79 5.02 20.05
CA HIS E 35 -6.67 6.34 19.44
C HIS E 35 -7.70 6.52 18.31
N ARG E 36 -7.77 7.72 17.72
CA ARG E 36 -8.72 7.96 16.64
C ARG E 36 -8.17 7.30 15.37
N ASN E 37 -9.08 6.85 14.47
CA ASN E 37 -8.78 6.07 13.25
C ASN E 37 -8.03 4.77 13.63
N SER E 38 -8.59 4.05 14.63
CA SER E 38 -8.11 2.79 15.18
C SER E 38 -8.85 1.62 14.56
N ASP E 39 -8.26 0.45 14.73
CA ASP E 39 -8.75 -0.84 14.27
C ASP E 39 -9.49 -1.48 15.45
N ILE E 40 -10.58 -2.21 15.18
CA ILE E 40 -11.30 -2.98 16.21
C ILE E 40 -10.80 -4.41 16.01
N ASP E 41 -10.16 -4.98 17.05
CA ASP E 41 -9.60 -6.33 17.00
C ASP E 41 -10.45 -7.26 17.81
N ILE E 42 -11.09 -8.22 17.13
CA ILE E 42 -12.00 -9.21 17.73
C ILE E 42 -11.51 -10.64 17.44
N ALA E 43 -11.60 -11.51 18.44
CA ALA E 43 -11.22 -12.92 18.36
C ALA E 43 -12.42 -13.80 18.68
N VAL E 44 -12.67 -14.82 17.86
CA VAL E 44 -13.78 -15.74 18.07
C VAL E 44 -13.35 -17.20 18.10
N LEU E 45 -14.10 -18.02 18.82
CA LEU E 45 -13.91 -19.47 18.86
C LEU E 45 -15.29 -20.10 18.72
N ALA E 46 -15.47 -20.92 17.67
CA ALA E 46 -16.71 -21.65 17.37
C ALA E 46 -16.37 -23.15 17.29
N ALA E 47 -17.39 -24.06 17.23
CA ALA E 47 -17.13 -25.50 17.16
C ALA E 47 -16.27 -25.91 15.97
N ASP E 48 -16.50 -25.29 14.80
CA ASP E 48 -15.75 -25.53 13.55
C ASP E 48 -14.94 -24.29 13.18
N THR E 49 -13.83 -24.50 12.46
CA THR E 49 -12.96 -23.44 11.94
C THR E 49 -13.77 -22.70 10.88
N LEU E 50 -13.79 -21.37 10.93
CA LEU E 50 -14.50 -20.52 9.99
C LEU E 50 -13.81 -20.54 8.63
N ASP E 51 -14.58 -20.36 7.54
CA ASP E 51 -14.04 -20.26 6.18
C ASP E 51 -13.39 -18.88 6.07
N ASN E 52 -12.16 -18.80 5.52
CA ASN E 52 -11.40 -17.55 5.37
C ASN E 52 -12.20 -16.41 4.75
N ILE E 53 -12.90 -16.69 3.63
CA ILE E 53 -13.72 -15.71 2.91
C ILE E 53 -14.94 -15.32 3.74
N ALA E 54 -15.59 -16.29 4.39
CA ALA E 54 -16.76 -16.08 5.26
C ALA E 54 -16.38 -15.19 6.45
N ARG E 55 -15.17 -15.40 6.99
CA ARG E 55 -14.60 -14.64 8.10
C ARG E 55 -14.35 -13.19 7.67
N TRP E 56 -13.67 -12.99 6.53
CA TRP E 56 -13.37 -11.66 5.96
C TRP E 56 -14.66 -10.92 5.64
N GLU E 57 -15.63 -11.59 5.01
CA GLU E 57 -16.92 -11.00 4.67
C GLU E 57 -17.65 -10.55 5.95
N LEU E 58 -17.57 -11.36 7.02
CA LEU E 58 -18.18 -11.04 8.32
C LEU E 58 -17.46 -9.89 9.01
N ALA E 59 -16.11 -9.83 8.88
CA ALA E 59 -15.28 -8.73 9.42
C ALA E 59 -15.74 -7.41 8.80
N GLN E 60 -16.06 -7.42 7.48
CA GLN E 60 -16.52 -6.24 6.73
C GLN E 60 -17.95 -5.84 7.08
N LYS E 61 -18.80 -6.83 7.47
CA LYS E 61 -20.19 -6.64 7.91
C LYS E 61 -20.16 -5.93 9.25
N LEU E 62 -19.23 -6.34 10.15
CA LEU E 62 -19.03 -5.69 11.45
C LEU E 62 -18.48 -4.28 11.22
N ALA E 63 -17.46 -4.16 10.32
CA ALA E 63 -16.82 -2.91 9.93
C ALA E 63 -17.80 -1.84 9.43
N SER E 64 -18.83 -2.25 8.66
CA SER E 64 -19.88 -1.33 8.16
C SER E 64 -20.76 -0.86 9.33
N ALA E 65 -21.22 -1.80 10.17
CA ALA E 65 -22.07 -1.57 11.33
C ALA E 65 -21.39 -0.74 12.41
N LEU E 66 -20.07 -0.89 12.58
CA LEU E 66 -19.30 -0.17 13.60
C LEU E 66 -18.55 1.05 13.06
N ASP E 67 -18.59 1.27 11.73
CA ASP E 67 -17.94 2.36 11.00
C ASP E 67 -16.44 2.50 11.35
N SER E 68 -15.72 1.37 11.31
CA SER E 68 -14.30 1.27 11.62
C SER E 68 -13.72 -0.01 11.04
N ASP E 69 -12.41 -0.03 10.71
CA ASP E 69 -11.72 -1.22 10.21
C ASP E 69 -11.83 -2.29 11.29
N VAL E 70 -12.23 -3.51 10.91
CA VAL E 70 -12.41 -4.60 11.86
C VAL E 70 -11.55 -5.79 11.48
N ASP E 71 -10.72 -6.22 12.44
CA ASP E 71 -9.87 -7.40 12.30
C ASP E 71 -10.52 -8.51 13.11
N LEU E 72 -11.07 -9.53 12.42
CA LEU E 72 -11.73 -10.70 13.02
C LEU E 72 -10.78 -11.90 12.94
N VAL E 73 -10.51 -12.52 14.09
CA VAL E 73 -9.56 -13.62 14.21
C VAL E 73 -10.28 -14.88 14.64
N ASP E 74 -10.06 -15.97 13.91
CA ASP E 74 -10.63 -17.26 14.30
C ASP E 74 -9.55 -17.94 15.14
N LEU E 75 -9.80 -18.07 16.46
CA LEU E 75 -8.86 -18.66 17.42
C LEU E 75 -8.53 -20.12 17.13
N ARG E 76 -9.41 -20.83 16.41
CA ARG E 76 -9.21 -22.24 16.03
C ARG E 76 -8.11 -22.42 14.96
N SER E 77 -7.80 -21.36 14.17
CA SER E 77 -6.79 -21.38 13.12
C SER E 77 -5.62 -20.41 13.38
N ALA E 78 -5.81 -19.45 14.32
CA ALA E 78 -4.79 -18.46 14.70
C ALA E 78 -3.55 -19.16 15.28
N SER E 79 -2.38 -18.52 15.13
CA SER E 79 -1.13 -19.05 15.62
C SER E 79 -1.13 -19.14 17.16
N THR E 80 -0.11 -19.79 17.76
CA THR E 80 -0.02 -19.88 19.22
C THR E 80 0.32 -18.50 19.80
N VAL E 81 1.19 -17.74 19.09
CA VAL E 81 1.61 -16.38 19.46
C VAL E 81 0.39 -15.44 19.54
N LEU E 82 -0.47 -15.45 18.49
CA LEU E 82 -1.68 -14.63 18.42
C LEU E 82 -2.73 -15.05 19.47
N CYS E 83 -2.88 -16.37 19.72
CA CYS E 83 -3.80 -16.90 20.73
C CYS E 83 -3.38 -16.43 22.12
N GLN E 84 -2.05 -16.38 22.38
CA GLN E 84 -1.45 -15.90 23.63
C GLN E 84 -1.74 -14.40 23.85
N GLN E 85 -1.79 -13.59 22.77
CA GLN E 85 -2.08 -12.15 22.84
C GLN E 85 -3.51 -11.94 23.37
N VAL E 86 -4.45 -12.72 22.83
CA VAL E 86 -5.87 -12.73 23.19
C VAL E 86 -6.08 -13.17 24.65
N VAL E 87 -5.37 -14.22 25.10
CA VAL E 87 -5.45 -14.74 26.48
C VAL E 87 -4.85 -13.75 27.51
N THR E 88 -3.86 -12.93 27.08
CA THR E 88 -3.19 -11.96 27.93
C THR E 88 -3.92 -10.63 27.99
N GLN E 89 -4.10 -9.95 26.84
CA GLN E 89 -4.72 -8.62 26.83
C GLN E 89 -6.20 -8.59 26.44
N GLY E 90 -6.77 -9.76 26.13
CA GLY E 90 -8.16 -9.89 25.72
C GLY E 90 -9.19 -9.67 26.81
N LYS E 91 -10.37 -9.22 26.41
CA LYS E 91 -11.54 -8.97 27.25
C LYS E 91 -12.66 -9.84 26.69
N GLN E 92 -13.13 -10.80 27.49
CA GLN E 92 -14.20 -11.70 27.10
C GLN E 92 -15.54 -10.97 27.08
N LEU E 93 -16.19 -10.96 25.90
CA LEU E 93 -17.48 -10.30 25.70
C LEU E 93 -18.65 -11.28 25.78
N TRP E 94 -18.40 -12.57 25.47
CA TRP E 94 -19.42 -13.61 25.46
C TRP E 94 -18.79 -15.00 25.68
N GLY E 95 -19.57 -15.92 26.24
CA GLY E 95 -19.16 -17.30 26.47
C GLY E 95 -19.07 -17.74 27.91
N THR E 96 -18.99 -19.05 28.15
CA THR E 96 -18.90 -19.61 29.51
C THR E 96 -17.49 -19.42 30.08
N GLN E 97 -17.40 -19.38 31.42
CA GLN E 97 -16.14 -19.28 32.15
C GLN E 97 -15.35 -20.56 31.89
N GLN E 98 -16.06 -21.70 31.75
CA GLN E 98 -15.50 -23.02 31.46
C GLN E 98 -14.74 -22.98 30.14
N ASP E 99 -15.40 -22.46 29.06
CA ASP E 99 -14.82 -22.34 27.72
C ASP E 99 -13.59 -21.43 27.68
N ASP E 100 -13.66 -20.27 28.37
CA ASP E 100 -12.57 -19.31 28.47
C ASP E 100 -11.36 -19.91 29.18
N GLU E 101 -11.56 -20.47 30.39
CA GLU E 101 -10.54 -21.13 31.23
C GLU E 101 -9.88 -22.32 30.52
N LEU E 102 -10.66 -23.11 29.74
CA LEU E 102 -10.16 -24.26 28.99
C LEU E 102 -9.27 -23.78 27.85
N PHE E 103 -9.73 -22.76 27.08
CA PHE E 103 -9.00 -22.16 25.97
C PHE E 103 -7.68 -21.56 26.50
N ALA E 104 -7.78 -20.74 27.57
CA ALA E 104 -6.62 -20.10 28.21
C ALA E 104 -5.55 -21.07 28.66
N VAL E 105 -5.92 -22.17 29.32
CA VAL E 105 -4.93 -23.14 29.81
C VAL E 105 -4.32 -23.95 28.64
N LYS E 106 -5.09 -24.16 27.55
CA LYS E 106 -4.63 -24.85 26.34
C LYS E 106 -3.58 -24.00 25.60
N THR E 107 -3.81 -22.66 25.49
CA THR E 107 -2.86 -21.80 24.78
C THR E 107 -1.62 -21.48 25.62
N ILE E 108 -1.77 -21.18 26.94
CA ILE E 108 -0.62 -20.88 27.82
C ILE E 108 0.37 -22.05 27.80
N SER E 109 -0.11 -23.30 27.89
CA SER E 109 0.73 -24.50 27.83
C SER E 109 1.44 -24.62 26.46
N MET E 110 0.71 -24.40 25.36
CA MET E 110 1.26 -24.48 24.00
C MET E 110 2.30 -23.40 23.72
N TYR E 111 2.09 -22.20 24.28
CA TYR E 111 3.02 -21.06 24.14
C TYR E 111 4.30 -21.32 24.95
N GLN E 112 4.16 -21.96 26.11
CA GLN E 112 5.27 -22.30 27.01
C GLN E 112 6.16 -23.36 26.37
N HIS E 113 5.55 -24.35 25.69
CA HIS E 113 6.26 -25.40 24.95
C HIS E 113 6.91 -24.81 23.72
N LEU E 114 6.24 -23.83 23.08
CA LEU E 114 6.75 -23.13 21.90
C LEU E 114 7.98 -22.30 22.26
N GLN E 115 7.93 -21.54 23.38
CA GLN E 115 9.05 -20.71 23.85
C GLN E 115 10.29 -21.53 24.11
N ALA E 116 10.12 -22.75 24.66
CA ALA E 116 11.20 -23.70 24.93
C ALA E 116 11.93 -24.06 23.60
N GLU E 117 11.15 -24.34 22.54
CA GLU E 117 11.62 -24.68 21.21
C GLU E 117 12.29 -23.52 20.46
N ARG E 118 11.59 -22.39 20.31
CA ARG E 118 12.07 -21.25 19.53
C ARG E 118 12.96 -20.24 20.28
N GLN E 119 13.31 -20.50 21.56
CA GLN E 119 14.15 -19.58 22.37
C GLN E 119 15.46 -19.19 21.66
N ALA E 120 16.22 -20.21 21.21
CA ALA E 120 17.47 -20.04 20.48
C ALA E 120 17.28 -19.20 19.21
N ILE E 121 16.16 -19.40 18.45
CA ILE E 121 15.83 -18.62 17.24
C ILE E 121 15.61 -17.15 17.63
N ILE E 122 14.83 -16.89 18.71
CA ILE E 122 14.53 -15.54 19.21
C ILE E 122 15.81 -14.83 19.65
N ASP E 123 16.64 -15.50 20.49
CA ASP E 123 17.92 -14.97 20.97
C ASP E 123 18.85 -14.62 19.81
N ASP E 124 18.96 -15.55 18.82
CA ASP E 124 19.78 -15.41 17.62
C ASP E 124 19.40 -14.19 16.76
N VAL E 125 18.08 -13.94 16.60
CA VAL E 125 17.61 -12.80 15.80
C VAL E 125 17.61 -11.50 16.62
N MET E 126 17.59 -11.58 17.96
CA MET E 126 17.61 -10.39 18.83
C MET E 126 19.00 -10.16 19.47
N ALA E 127 19.95 -9.66 18.66
CA ALA E 127 21.35 -9.38 19.07
C ALA E 127 21.43 -8.23 20.07
N MET F 1 -12.66 -24.93 44.14
CA MET F 1 -11.95 -25.42 42.96
C MET F 1 -12.93 -25.68 41.80
N ASN F 2 -12.69 -25.05 40.63
CA ASN F 2 -13.52 -25.22 39.44
C ASN F 2 -13.13 -26.48 38.66
N ASP F 3 -13.95 -26.87 37.65
CA ASP F 3 -13.77 -28.06 36.80
C ASP F 3 -12.33 -28.32 36.37
N ILE F 4 -11.66 -27.29 35.80
CA ILE F 4 -10.27 -27.34 35.32
C ILE F 4 -9.33 -27.83 36.44
N ILE F 5 -9.49 -27.28 37.65
CA ILE F 5 -8.69 -27.67 38.83
C ILE F 5 -8.99 -29.14 39.23
N ILE F 6 -10.29 -29.51 39.32
CA ILE F 6 -10.77 -30.86 39.69
C ILE F 6 -10.21 -31.92 38.72
N ASN F 7 -10.38 -31.68 37.40
CA ASN F 7 -9.93 -32.56 36.32
C ASN F 7 -8.41 -32.73 36.30
N LYS F 8 -7.67 -31.64 36.58
CA LYS F 8 -6.20 -31.69 36.63
C LYS F 8 -5.68 -32.43 37.88
N ILE F 9 -6.34 -32.22 39.06
CA ILE F 9 -6.00 -32.92 40.32
C ILE F 9 -6.17 -34.44 40.12
N ALA F 10 -7.32 -34.85 39.52
CA ALA F 10 -7.68 -36.23 39.19
C ALA F 10 -6.64 -36.92 38.33
N THR F 11 -6.00 -36.15 37.41
CA THR F 11 -4.94 -36.65 36.52
C THR F 11 -3.70 -37.01 37.34
N ILE F 12 -3.29 -36.14 38.29
CA ILE F 12 -2.12 -36.34 39.16
C ILE F 12 -2.30 -37.59 40.04
N LYS F 13 -3.50 -37.75 40.65
CA LYS F 13 -3.86 -38.88 41.51
C LYS F 13 -3.76 -40.19 40.75
N ARG F 14 -4.26 -40.19 39.51
CA ARG F 14 -4.30 -41.33 38.59
C ARG F 14 -2.91 -41.69 38.07
N CYS F 15 -2.08 -40.69 37.73
CA CYS F 15 -0.74 -40.90 37.21
C CYS F 15 0.27 -41.25 38.29
N ILE F 16 0.04 -40.83 39.56
CA ILE F 16 0.91 -41.18 40.69
C ILE F 16 0.73 -42.68 40.96
N LYS F 17 -0.55 -43.15 41.03
CA LYS F 17 -0.92 -44.55 41.21
C LYS F 17 -0.39 -45.40 40.07
N ARG F 18 -0.42 -44.86 38.83
CA ARG F 18 0.09 -45.50 37.61
C ARG F 18 1.61 -45.75 37.73
N ILE F 19 2.36 -44.80 38.35
CA ILE F 19 3.81 -44.92 38.58
C ILE F 19 4.06 -46.04 39.62
N GLN F 20 3.21 -46.11 40.66
CA GLN F 20 3.26 -47.11 41.73
C GLN F 20 3.08 -48.55 41.21
N GLN F 21 2.16 -48.76 40.22
CA GLN F 21 1.92 -50.07 39.62
C GLN F 21 3.16 -50.50 38.82
N VAL F 22 3.70 -49.57 38.02
CA VAL F 22 4.90 -49.76 37.18
C VAL F 22 6.17 -49.85 38.07
N TYR F 23 6.08 -49.43 39.35
CA TYR F 23 7.19 -49.49 40.31
C TYR F 23 6.82 -50.27 41.58
N GLY F 24 6.89 -51.61 41.49
CA GLY F 24 6.63 -52.50 42.61
C GLY F 24 7.86 -52.59 43.48
N ASP F 25 8.63 -53.68 43.30
CA ASP F 25 9.89 -53.90 44.02
C ASP F 25 10.99 -52.97 43.46
N GLY F 26 10.89 -52.67 42.17
CA GLY F 26 11.81 -51.78 41.46
C GLY F 26 13.16 -52.38 41.14
N SER F 27 13.23 -53.72 41.05
CA SER F 27 14.46 -54.47 40.74
C SER F 27 14.69 -54.55 39.23
N GLN F 28 13.66 -55.02 38.48
CA GLN F 28 13.68 -55.17 37.02
C GLN F 28 13.52 -53.82 36.28
N PHE F 29 13.32 -52.71 37.05
CA PHE F 29 13.15 -51.35 36.55
C PHE F 29 14.42 -50.79 35.88
N LYS F 30 15.57 -50.86 36.57
CA LYS F 30 16.85 -50.33 36.07
C LYS F 30 17.43 -51.12 34.86
N GLN F 31 16.80 -52.26 34.50
CA GLN F 31 17.22 -53.11 33.38
C GLN F 31 16.28 -53.00 32.19
N ASP F 32 14.96 -52.84 32.44
CA ASP F 32 13.94 -52.72 31.39
C ASP F 32 13.60 -51.26 31.08
N PHE F 33 13.80 -50.87 29.81
CA PHE F 33 13.52 -49.52 29.33
C PHE F 33 12.02 -49.23 29.25
N THR F 34 11.19 -50.28 29.03
CA THR F 34 9.72 -50.19 28.94
C THR F 34 9.12 -49.66 30.24
N LEU F 35 9.67 -50.09 31.40
CA LEU F 35 9.23 -49.66 32.73
C LEU F 35 9.65 -48.21 32.99
N GLN F 36 10.85 -47.82 32.50
CA GLN F 36 11.38 -46.47 32.63
C GLN F 36 10.56 -45.49 31.78
N ASP F 37 10.18 -45.92 30.55
CA ASP F 37 9.38 -45.14 29.61
C ASP F 37 7.97 -44.84 30.12
N SER F 38 7.39 -45.74 30.96
CA SER F 38 6.07 -45.53 31.53
C SER F 38 6.14 -44.56 32.71
N VAL F 39 7.19 -44.68 33.55
CA VAL F 39 7.44 -43.85 34.74
C VAL F 39 7.71 -42.40 34.34
N ILE F 40 8.54 -42.21 33.31
CA ILE F 40 8.91 -40.90 32.76
C ILE F 40 7.69 -40.18 32.16
N LEU F 41 6.81 -40.91 31.43
CA LEU F 41 5.60 -40.37 30.81
C LEU F 41 4.56 -39.90 31.84
N ASN F 42 4.27 -40.72 32.86
CA ASN F 42 3.30 -40.39 33.90
C ASN F 42 3.81 -39.32 34.85
N LEU F 43 5.14 -39.14 34.92
CA LEU F 43 5.78 -38.10 35.74
C LEU F 43 5.62 -36.77 35.02
N GLN F 44 5.73 -36.79 33.67
CA GLN F 44 5.54 -35.66 32.77
C GLN F 44 4.06 -35.26 32.81
N ARG F 45 3.13 -36.25 32.82
CA ARG F 45 1.68 -36.04 32.91
C ARG F 45 1.32 -35.37 34.26
N CYS F 46 2.05 -35.75 35.33
CA CYS F 46 1.92 -35.19 36.69
C CYS F 46 2.46 -33.77 36.70
N CYS F 47 3.62 -33.54 36.03
CA CYS F 47 4.24 -32.22 35.90
C CYS F 47 3.31 -31.27 35.18
N GLU F 48 2.88 -31.65 33.94
CA GLU F 48 1.99 -30.87 33.06
C GLU F 48 0.68 -30.46 33.72
N ALA F 49 0.09 -31.33 34.55
CA ALA F 49 -1.16 -31.03 35.26
C ALA F 49 -0.92 -29.91 36.27
N CYS F 50 0.24 -29.94 36.98
CA CYS F 50 0.64 -28.91 37.95
C CYS F 50 0.91 -27.57 37.26
N ILE F 51 1.54 -27.58 36.05
CA ILE F 51 1.80 -26.35 35.27
C ILE F 51 0.46 -25.73 34.91
N ASP F 52 -0.47 -26.56 34.40
CA ASP F 52 -1.82 -26.17 34.01
C ASP F 52 -2.60 -25.53 35.16
N ILE F 53 -2.46 -26.06 36.40
CA ILE F 53 -3.08 -25.52 37.63
C ILE F 53 -2.52 -24.11 37.85
N ALA F 54 -1.17 -24.01 37.91
CA ALA F 54 -0.40 -22.79 38.13
C ALA F 54 -0.73 -21.70 37.11
N ASN F 55 -0.80 -22.07 35.80
CA ASN F 55 -1.13 -21.18 34.69
C ASN F 55 -2.54 -20.63 34.83
N HIS F 56 -3.48 -21.49 35.25
CA HIS F 56 -4.88 -21.13 35.48
C HIS F 56 -5.04 -20.13 36.62
N ILE F 57 -4.38 -20.39 37.78
CA ILE F 57 -4.44 -19.50 38.95
C ILE F 57 -3.77 -18.16 38.65
N ASN F 58 -2.62 -18.15 37.94
CA ASN F 58 -1.90 -16.92 37.57
C ASN F 58 -2.74 -16.00 36.70
N ARG F 59 -3.56 -16.56 35.81
CA ARG F 59 -4.42 -15.78 34.93
C ARG F 59 -5.64 -15.28 35.70
N GLN F 60 -6.31 -16.20 36.44
CA GLN F 60 -7.49 -15.88 37.25
C GLN F 60 -7.18 -14.79 38.29
N GLN F 61 -6.07 -14.95 39.04
CA GLN F 61 -5.63 -14.03 40.09
C GLN F 61 -4.90 -12.78 39.57
N GLN F 62 -4.78 -12.63 38.24
CA GLN F 62 -4.17 -11.48 37.56
C GLN F 62 -2.72 -11.22 37.96
N LEU F 63 -1.96 -12.30 38.22
CA LEU F 63 -0.56 -12.20 38.64
C LEU F 63 0.39 -12.00 37.46
N GLY F 64 -0.11 -12.25 36.25
CA GLY F 64 0.62 -12.15 35.00
C GLY F 64 0.57 -13.47 34.26
N ILE F 65 0.82 -13.44 32.93
CA ILE F 65 0.82 -14.67 32.12
C ILE F 65 2.27 -15.16 31.93
N PRO F 66 2.69 -16.26 32.64
CA PRO F 66 4.07 -16.75 32.52
C PRO F 66 4.46 -17.29 31.14
N GLN F 67 5.67 -16.93 30.70
CA GLN F 67 6.26 -17.33 29.41
C GLN F 67 6.76 -18.77 29.49
N SER F 68 7.15 -19.22 30.70
CA SER F 68 7.66 -20.56 30.96
C SER F 68 7.01 -21.19 32.18
N SER F 69 7.12 -22.54 32.29
CA SER F 69 6.60 -23.35 33.40
C SER F 69 7.26 -22.96 34.73
N ARG F 70 8.55 -22.58 34.69
CA ARG F 70 9.37 -22.15 35.83
C ARG F 70 8.84 -20.84 36.39
N ASP F 71 8.50 -19.89 35.49
CA ASP F 71 7.92 -18.57 35.80
C ASP F 71 6.53 -18.69 36.44
N SER F 72 5.78 -19.77 36.11
CA SER F 72 4.45 -20.03 36.65
C SER F 72 4.50 -20.30 38.16
N PHE F 73 5.50 -21.07 38.62
CA PHE F 73 5.70 -21.40 40.02
C PHE F 73 6.28 -20.23 40.79
N THR F 74 7.19 -19.44 40.17
CA THR F 74 7.76 -18.25 40.79
C THR F 74 6.63 -17.25 41.08
N LEU F 75 5.70 -17.06 40.10
CA LEU F 75 4.53 -16.17 40.23
C LEU F 75 3.63 -16.59 41.37
N LEU F 76 3.43 -17.92 41.53
CA LEU F 76 2.62 -18.48 42.61
C LEU F 76 3.31 -18.26 43.96
N ALA F 77 4.65 -18.41 44.00
CA ALA F 77 5.47 -18.24 45.21
C ALA F 77 5.59 -16.78 45.64
N GLN F 78 5.77 -15.84 44.67
CA GLN F 78 5.89 -14.40 44.88
C GLN F 78 4.64 -13.78 45.51
N ASN F 79 3.46 -14.35 45.22
CA ASN F 79 2.17 -13.89 45.75
C ASN F 79 1.65 -14.82 46.86
N ASN F 80 2.61 -15.55 47.48
CA ASN F 80 2.51 -16.45 48.63
C ASN F 80 1.41 -17.54 48.53
N LEU F 81 1.00 -17.92 47.31
CA LEU F 81 0.02 -19.00 47.11
C LEU F 81 0.67 -20.36 47.39
N ILE F 82 2.00 -20.44 47.18
CA ILE F 82 2.87 -21.60 47.49
C ILE F 82 4.16 -21.11 48.17
N THR F 83 4.83 -22.02 48.88
CA THR F 83 6.09 -21.73 49.57
C THR F 83 7.25 -21.82 48.58
N GLN F 84 8.34 -21.09 48.85
CA GLN F 84 9.55 -21.10 48.02
C GLN F 84 10.14 -22.54 47.94
N PRO F 85 10.26 -23.33 49.06
CA PRO F 85 10.78 -24.70 48.92
C PRO F 85 9.95 -25.62 48.03
N LEU F 86 8.61 -25.47 48.02
CA LEU F 86 7.72 -26.26 47.17
C LEU F 86 7.92 -25.83 45.71
N SER F 87 7.94 -24.51 45.45
CA SER F 87 8.18 -23.89 44.15
C SER F 87 9.48 -24.42 43.55
N ASP F 88 10.54 -24.49 44.38
CA ASP F 88 11.86 -24.98 43.99
C ASP F 88 11.90 -26.49 43.71
N ASN F 89 11.13 -27.30 44.47
CA ASN F 89 11.05 -28.76 44.27
C ASN F 89 10.27 -29.09 43.01
N LEU F 90 9.18 -28.33 42.74
CA LEU F 90 8.35 -28.48 41.54
C LEU F 90 9.11 -28.04 40.29
N LYS F 91 9.97 -27.02 40.40
CA LYS F 91 10.81 -26.53 39.30
C LYS F 91 11.94 -27.54 39.01
N LYS F 92 12.38 -28.29 40.05
CA LYS F 92 13.39 -29.35 39.95
C LYS F 92 12.77 -30.55 39.24
N MET F 93 11.47 -30.77 39.48
CA MET F 93 10.69 -31.85 38.89
C MET F 93 10.52 -31.67 37.38
N VAL F 94 10.25 -30.44 36.91
CA VAL F 94 10.08 -30.15 35.48
C VAL F 94 11.44 -30.18 34.76
N GLY F 95 12.51 -29.84 35.49
CA GLY F 95 13.88 -29.86 35.00
C GLY F 95 14.33 -31.29 34.74
N LEU F 96 13.87 -32.21 35.62
CA LEU F 96 14.09 -33.66 35.56
C LEU F 96 13.37 -34.18 34.32
N ARG F 97 12.09 -33.79 34.15
CA ARG F 97 11.18 -34.13 33.04
C ARG F 97 11.85 -33.85 31.68
N ASN F 98 12.46 -32.64 31.52
CA ASN F 98 13.13 -32.21 30.28
C ASN F 98 14.29 -33.12 29.93
N ILE F 99 15.09 -33.52 30.94
CA ILE F 99 16.23 -34.42 30.77
C ILE F 99 15.68 -35.81 30.42
N ALA F 100 14.66 -36.26 31.18
CA ALA F 100 14.01 -37.56 31.01
C ALA F 100 13.37 -37.79 29.64
N VAL F 101 12.87 -36.72 28.98
CA VAL F 101 12.21 -36.89 27.68
C VAL F 101 13.11 -36.49 26.49
N HIS F 102 13.83 -35.35 26.57
CA HIS F 102 14.67 -34.85 25.47
C HIS F 102 16.11 -35.37 25.44
N ASP F 103 16.70 -35.70 26.60
CA ASP F 103 18.08 -36.16 26.69
C ASP F 103 18.17 -37.44 27.54
N ALA F 104 17.55 -38.53 27.05
CA ALA F 104 17.48 -39.83 27.72
C ALA F 104 18.85 -40.51 27.91
N GLN F 105 19.80 -40.25 26.99
CA GLN F 105 21.16 -40.81 27.02
C GLN F 105 21.99 -40.23 28.16
N GLU F 106 21.69 -38.99 28.58
CA GLU F 106 22.41 -38.30 29.66
C GLU F 106 21.59 -38.19 30.97
N LEU F 107 20.48 -38.97 31.07
CA LEU F 107 19.64 -39.03 32.27
C LEU F 107 20.35 -39.85 33.34
N ASN F 108 20.33 -39.35 34.59
CA ASN F 108 20.99 -39.95 35.74
C ASN F 108 20.48 -41.34 36.14
N LEU F 109 19.15 -41.58 36.00
CA LEU F 109 18.44 -42.82 36.35
C LEU F 109 18.35 -43.05 37.87
N ASP F 110 19.44 -42.73 38.62
CA ASP F 110 19.49 -42.83 40.08
C ASP F 110 18.57 -41.78 40.71
N ILE F 111 18.57 -40.55 40.13
CA ILE F 111 17.73 -39.44 40.58
C ILE F 111 16.24 -39.76 40.36
N VAL F 112 15.92 -40.45 39.23
CA VAL F 112 14.55 -40.87 38.84
C VAL F 112 13.97 -41.80 39.94
N VAL F 113 14.80 -42.73 40.46
CA VAL F 113 14.47 -43.68 41.52
C VAL F 113 14.22 -42.90 42.83
N HIS F 114 15.12 -41.93 43.14
CA HIS F 114 15.05 -41.04 44.31
C HIS F 114 13.77 -40.18 44.29
N VAL F 115 13.35 -39.74 43.09
CA VAL F 115 12.14 -38.94 42.85
C VAL F 115 10.88 -39.76 43.13
N VAL F 116 10.82 -41.02 42.65
CA VAL F 116 9.69 -41.93 42.85
C VAL F 116 9.53 -42.31 44.35
N GLN F 117 10.64 -42.67 45.01
CA GLN F 117 10.65 -43.07 46.43
C GLN F 117 10.40 -41.93 47.42
N HIS F 118 11.05 -40.76 47.23
CA HIS F 118 10.95 -39.65 48.17
C HIS F 118 10.17 -38.42 47.68
N HIS F 119 10.58 -37.83 46.55
CA HIS F 119 10.03 -36.58 46.01
C HIS F 119 8.66 -36.71 45.28
N LEU F 120 8.01 -37.89 45.29
CA LEU F 120 6.71 -38.08 44.64
C LEU F 120 5.55 -37.40 45.39
N GLU F 121 5.73 -37.12 46.70
CA GLU F 121 4.72 -36.45 47.53
C GLU F 121 4.70 -34.93 47.32
N ASP F 122 5.67 -34.38 46.55
CA ASP F 122 5.73 -32.95 46.22
C ASP F 122 4.53 -32.55 45.37
N PHE F 123 4.07 -33.47 44.48
CA PHE F 123 2.88 -33.31 43.64
C PHE F 123 1.65 -33.34 44.54
N GLU F 124 1.64 -34.29 45.51
CA GLU F 124 0.56 -34.50 46.49
C GLU F 124 0.38 -33.30 47.41
N GLN F 125 1.50 -32.63 47.78
CA GLN F 125 1.49 -31.44 48.63
C GLN F 125 0.82 -30.28 47.91
N PHE F 126 1.10 -30.14 46.58
CA PHE F 126 0.56 -29.11 45.69
C PHE F 126 -0.97 -29.26 45.55
N ILE F 127 -1.47 -30.51 45.45
CA ILE F 127 -2.90 -30.83 45.37
C ILE F 127 -3.62 -30.30 46.62
N ASP F 128 -3.04 -30.58 47.81
CA ASP F 128 -3.56 -30.17 49.12
C ASP F 128 -3.58 -28.64 49.31
N VAL F 129 -2.47 -27.93 48.96
CA VAL F 129 -2.31 -26.48 49.08
C VAL F 129 -3.36 -25.71 48.24
N ILE F 130 -3.58 -26.15 47.01
CA ILE F 130 -4.51 -25.55 46.06
C ILE F 130 -5.99 -25.83 46.47
N LYS F 131 -6.26 -27.02 47.07
CA LYS F 131 -7.58 -27.44 47.54
C LYS F 131 -8.18 -26.47 48.57
N ASP G 3 26.02 -31.41 14.11
CA ASP G 3 26.40 -31.89 15.43
C ASP G 3 25.15 -32.20 16.26
N ILE G 4 24.28 -31.18 16.55
CA ILE G 4 23.04 -31.38 17.29
C ILE G 4 22.01 -32.12 16.41
N ILE G 5 22.04 -31.85 15.09
CA ILE G 5 21.18 -32.51 14.09
C ILE G 5 21.53 -34.01 14.02
N ILE G 6 22.84 -34.35 14.06
CA ILE G 6 23.34 -35.73 14.03
C ILE G 6 22.86 -36.50 15.27
N ASN G 7 22.91 -35.86 16.46
CA ASN G 7 22.45 -36.45 17.73
C ASN G 7 20.93 -36.64 17.69
N LYS G 8 20.22 -35.66 17.09
CA LYS G 8 18.76 -35.65 16.94
C LYS G 8 18.28 -36.72 15.96
N ILE G 9 19.04 -36.96 14.85
CA ILE G 9 18.73 -38.01 13.85
C ILE G 9 18.91 -39.37 14.55
N ALA G 10 20.05 -39.54 15.26
CA ALA G 10 20.40 -40.74 16.03
C ALA G 10 19.34 -41.09 17.06
N THR G 11 18.76 -40.07 17.73
CA THR G 11 17.71 -40.25 18.73
C THR G 11 16.42 -40.76 18.09
N ILE G 12 16.07 -40.23 16.90
CA ILE G 12 14.86 -40.60 16.14
C ILE G 12 14.90 -42.10 15.77
N LYS G 13 16.03 -42.55 15.18
CA LYS G 13 16.27 -43.95 14.79
C LYS G 13 16.15 -44.87 16.01
N ARG G 14 16.76 -44.46 17.13
CA ARG G 14 16.75 -45.15 18.44
C ARG G 14 15.31 -45.31 18.96
N CYS G 15 14.49 -44.25 18.83
CA CYS G 15 13.10 -44.21 19.27
C CYS G 15 12.17 -45.05 18.41
N ILE G 16 12.33 -45.01 17.07
CA ILE G 16 11.51 -45.81 16.13
C ILE G 16 11.75 -47.31 16.39
N LYS G 17 13.04 -47.72 16.50
CA LYS G 17 13.44 -49.10 16.82
C LYS G 17 12.91 -49.52 18.20
N ARG G 18 12.84 -48.55 19.14
CA ARG G 18 12.31 -48.74 20.48
C ARG G 18 10.77 -48.98 20.43
N ILE G 19 10.04 -48.20 19.57
CA ILE G 19 8.58 -48.33 19.37
C ILE G 19 8.23 -49.71 18.81
N GLN G 20 8.92 -50.11 17.72
CA GLN G 20 8.75 -51.40 17.02
C GLN G 20 9.00 -52.60 17.94
N GLN G 21 10.01 -52.50 18.84
CA GLN G 21 10.37 -53.53 19.83
C GLN G 21 9.25 -53.73 20.84
N VAL G 22 8.75 -52.62 21.45
CA VAL G 22 7.67 -52.63 22.44
C VAL G 22 6.34 -53.05 21.80
N TYR G 23 6.02 -52.53 20.59
CA TYR G 23 4.77 -52.84 19.89
C TYR G 23 4.72 -54.28 19.35
N GLY G 24 5.34 -54.53 18.19
CA GLY G 24 5.35 -55.83 17.53
C GLY G 24 3.97 -56.23 17.03
N ASP G 25 3.22 -56.99 17.85
CA ASP G 25 1.87 -57.45 17.57
C ASP G 25 0.82 -56.51 18.18
N GLY G 26 -0.37 -56.49 17.58
CA GLY G 26 -1.49 -55.65 18.02
C GLY G 26 -2.31 -56.22 19.17
N SER G 27 -2.25 -57.57 19.36
CA SER G 27 -3.00 -58.31 20.39
C SER G 27 -2.48 -58.11 21.84
N GLN G 28 -1.54 -57.16 22.03
CA GLN G 28 -0.93 -56.83 23.32
C GLN G 28 -0.96 -55.32 23.59
N PHE G 29 -1.49 -54.52 22.65
CA PHE G 29 -1.55 -53.06 22.76
C PHE G 29 -2.77 -52.53 23.52
N LYS G 30 -3.99 -52.69 22.95
CA LYS G 30 -5.26 -52.20 23.49
C LYS G 30 -5.57 -52.60 24.95
N GLN G 31 -4.86 -53.60 25.49
CA GLN G 31 -5.04 -54.08 26.86
C GLN G 31 -3.97 -53.58 27.84
N ASP G 32 -2.67 -53.72 27.49
CA ASP G 32 -1.55 -53.30 28.37
C ASP G 32 -1.28 -51.79 28.32
N PHE G 33 -1.21 -51.15 29.51
CA PHE G 33 -0.97 -49.71 29.66
C PHE G 33 0.50 -49.32 29.63
N THR G 34 1.40 -50.16 30.19
CA THR G 34 2.86 -49.93 30.18
C THR G 34 3.39 -49.98 28.74
N LEU G 35 2.72 -50.80 27.90
CA LEU G 35 3.00 -50.97 26.47
C LEU G 35 2.68 -49.65 25.75
N GLN G 36 1.47 -49.09 26.01
CA GLN G 36 0.98 -47.84 25.44
C GLN G 36 1.89 -46.67 25.84
N ASP G 37 2.16 -46.53 27.15
CA ASP G 37 3.00 -45.49 27.73
C ASP G 37 4.43 -45.44 27.16
N SER G 38 4.99 -46.60 26.79
CA SER G 38 6.34 -46.69 26.22
C SER G 38 6.41 -46.12 24.80
N VAL G 39 5.44 -46.49 23.93
CA VAL G 39 5.41 -46.03 22.53
C VAL G 39 5.00 -44.55 22.45
N ILE G 40 3.98 -44.11 23.25
CA ILE G 40 3.46 -42.74 23.33
C ILE G 40 4.58 -41.74 23.65
N LEU G 41 5.50 -42.12 24.56
CA LEU G 41 6.66 -41.30 24.92
C LEU G 41 7.68 -41.27 23.80
N ASN G 42 7.98 -42.43 23.18
CA ASN G 42 8.96 -42.50 22.10
C ASN G 42 8.45 -41.89 20.80
N LEU G 43 7.11 -41.74 20.67
CA LEU G 43 6.48 -41.08 19.53
C LEU G 43 6.64 -39.57 19.71
N GLN G 44 6.49 -39.08 20.99
CA GLN G 44 6.66 -37.69 21.39
C GLN G 44 8.12 -37.30 21.20
N ARG G 45 9.05 -38.20 21.58
CA ARG G 45 10.49 -38.03 21.45
C ARG G 45 10.89 -37.85 19.99
N CYS G 46 10.17 -38.55 19.07
CA CYS G 46 10.34 -38.45 17.62
C CYS G 46 9.93 -37.06 17.15
N CYS G 47 8.72 -36.59 17.57
CA CYS G 47 8.15 -35.27 17.28
C CYS G 47 9.10 -34.17 17.73
N GLU G 48 9.40 -34.13 19.04
CA GLU G 48 10.28 -33.14 19.68
C GLU G 48 11.64 -33.02 18.99
N ALA G 49 12.28 -34.17 18.63
CA ALA G 49 13.56 -34.20 17.94
C ALA G 49 13.46 -33.66 16.50
N CYS G 50 12.29 -33.85 15.84
CA CYS G 50 12.02 -33.32 14.50
C CYS G 50 11.85 -31.79 14.55
N ILE G 51 11.19 -31.27 15.63
CA ILE G 51 11.01 -29.83 15.88
C ILE G 51 12.40 -29.20 16.06
N ASP G 52 13.28 -29.86 16.86
CA ASP G 52 14.65 -29.43 17.14
C ASP G 52 15.53 -29.39 15.90
N ILE G 53 15.42 -30.42 15.02
CA ILE G 53 16.16 -30.46 13.75
C ILE G 53 15.70 -29.26 12.90
N ALA G 54 14.37 -29.08 12.78
CA ALA G 54 13.74 -27.99 12.05
C ALA G 54 14.18 -26.63 12.57
N ASN G 55 14.13 -26.42 13.90
CA ASN G 55 14.51 -25.17 14.56
C ASN G 55 15.99 -24.86 14.47
N HIS G 56 16.84 -25.89 14.32
CA HIS G 56 18.28 -25.68 14.14
C HIS G 56 18.55 -25.16 12.74
N ILE G 57 17.84 -25.72 11.73
CA ILE G 57 17.91 -25.31 10.32
C ILE G 57 17.35 -23.88 10.20
N ASN G 58 16.15 -23.60 10.80
CA ASN G 58 15.52 -22.28 10.82
C ASN G 58 16.49 -21.23 11.40
N ARG G 59 17.25 -21.61 12.45
CA ARG G 59 18.22 -20.74 13.11
C ARG G 59 19.44 -20.49 12.21
N GLN G 60 20.11 -21.56 11.74
CA GLN G 60 21.28 -21.50 10.87
C GLN G 60 21.02 -20.71 9.58
N GLN G 61 19.98 -21.09 8.82
CA GLN G 61 19.61 -20.51 7.53
C GLN G 61 18.82 -19.18 7.62
N GLN G 62 18.40 -18.77 8.85
CA GLN G 62 17.63 -17.53 9.12
C GLN G 62 16.32 -17.45 8.31
N LEU G 63 15.45 -18.46 8.51
CA LEU G 63 14.18 -18.60 7.78
C LEU G 63 13.02 -17.76 8.32
N GLY G 64 12.96 -17.62 9.64
CA GLY G 64 11.92 -16.88 10.33
C GLY G 64 11.72 -17.35 11.76
N ILE G 65 10.73 -16.75 12.45
CA ILE G 65 10.40 -17.09 13.84
C ILE G 65 9.11 -17.90 13.86
N PRO G 66 9.13 -19.16 14.38
CA PRO G 66 7.89 -19.95 14.44
C PRO G 66 6.86 -19.30 15.35
N GLN G 67 5.60 -19.28 14.91
CA GLN G 67 4.50 -18.70 15.66
C GLN G 67 3.68 -19.80 16.33
N SER G 68 3.99 -21.06 15.97
CA SER G 68 3.39 -22.31 16.45
C SER G 68 4.43 -23.43 16.28
N SER G 69 4.24 -24.58 16.94
CA SER G 69 5.17 -25.72 16.79
C SER G 69 5.15 -26.25 15.35
N ARG G 70 3.95 -26.23 14.73
CA ARG G 70 3.65 -26.58 13.34
C ARG G 70 4.48 -25.73 12.36
N ASP G 71 4.72 -24.43 12.71
CA ASP G 71 5.49 -23.46 11.90
C ASP G 71 6.91 -23.87 11.63
N SER G 72 7.52 -24.66 12.54
CA SER G 72 8.89 -25.17 12.42
C SER G 72 9.08 -25.90 11.07
N PHE G 73 8.07 -26.68 10.65
CA PHE G 73 8.04 -27.43 9.41
C PHE G 73 7.56 -26.58 8.23
N THR G 74 6.67 -25.61 8.48
CA THR G 74 6.16 -24.70 7.47
C THR G 74 7.30 -23.87 6.90
N LEU G 75 8.19 -23.34 7.78
CA LEU G 75 9.35 -22.54 7.38
C LEU G 75 10.25 -23.34 6.45
N LEU G 76 10.45 -24.66 6.75
CA LEU G 76 11.24 -25.57 5.91
C LEU G 76 10.64 -25.71 4.50
N ALA G 77 9.32 -25.97 4.40
CA ALA G 77 8.58 -26.14 3.14
C ALA G 77 8.52 -24.85 2.33
N GLN G 78 8.29 -23.70 2.99
CA GLN G 78 8.24 -22.38 2.34
C GLN G 78 9.60 -22.03 1.71
N ASN G 79 10.69 -22.59 2.27
CA ASN G 79 12.07 -22.39 1.80
C ASN G 79 12.56 -23.61 1.00
N ASN G 80 11.62 -24.45 0.55
CA ASN G 80 11.80 -25.63 -0.30
C ASN G 80 12.88 -26.63 0.19
N LEU G 81 12.98 -26.85 1.52
CA LEU G 81 13.93 -27.80 2.09
C LEU G 81 13.30 -29.20 2.28
N ILE G 82 11.98 -29.24 2.53
CA ILE G 82 11.14 -30.44 2.63
C ILE G 82 9.88 -30.23 1.76
N THR G 83 9.21 -31.32 1.34
CA THR G 83 8.02 -31.20 0.49
C THR G 83 6.76 -30.89 1.30
N GLN G 84 5.76 -30.23 0.66
CA GLN G 84 4.46 -29.91 1.28
C GLN G 84 3.78 -31.19 1.80
N PRO G 85 3.68 -32.32 1.04
CA PRO G 85 3.09 -33.54 1.62
C PRO G 85 3.81 -34.08 2.87
N LEU G 86 5.15 -33.91 2.95
CA LEU G 86 5.93 -34.33 4.11
C LEU G 86 5.70 -33.37 5.28
N SER G 87 5.75 -32.05 4.99
CA SER G 87 5.51 -30.94 5.92
C SER G 87 4.14 -31.11 6.58
N ASP G 88 3.10 -31.40 5.77
CA ASP G 88 1.73 -31.61 6.22
C ASP G 88 1.60 -32.84 7.10
N ASN G 89 2.35 -33.91 6.78
CA ASN G 89 2.36 -35.15 7.55
C ASN G 89 3.01 -34.96 8.92
N LEU G 90 4.14 -34.22 8.98
CA LEU G 90 4.88 -33.92 10.20
C LEU G 90 4.09 -32.98 11.14
N LYS G 91 3.37 -32.00 10.57
CA LYS G 91 2.52 -31.03 11.29
C LYS G 91 1.34 -31.75 11.97
N LYS G 92 0.76 -32.76 11.28
CA LYS G 92 -0.34 -33.60 11.76
C LYS G 92 0.15 -34.45 12.94
N MET G 93 1.46 -34.74 12.99
CA MET G 93 2.11 -35.52 14.03
C MET G 93 2.37 -34.70 15.29
N VAL G 94 2.40 -33.36 15.18
CA VAL G 94 2.60 -32.46 16.33
C VAL G 94 1.42 -32.59 17.29
N GLY G 95 0.20 -32.64 16.75
CA GLY G 95 -1.04 -32.82 17.50
C GLY G 95 -1.03 -34.07 18.36
N LEU G 96 -0.44 -35.17 17.82
CA LEU G 96 -0.25 -36.46 18.48
C LEU G 96 0.57 -36.25 19.75
N ARG G 97 1.67 -35.48 19.65
CA ARG G 97 2.54 -35.13 20.77
C ARG G 97 1.78 -34.25 21.78
N ASN G 98 1.03 -33.25 21.26
CA ASN G 98 0.28 -32.26 22.05
C ASN G 98 -0.71 -32.89 23.04
N ILE G 99 -1.88 -33.31 22.55
CA ILE G 99 -2.90 -33.89 23.42
C ILE G 99 -2.56 -35.33 23.88
N ALA G 100 -2.52 -36.31 22.95
CA ALA G 100 -2.32 -37.74 23.19
C ALA G 100 -1.10 -38.17 24.03
N VAL G 101 -0.18 -37.24 24.38
CA VAL G 101 1.01 -37.64 25.15
C VAL G 101 1.03 -37.12 26.61
N HIS G 102 1.10 -35.79 26.83
CA HIS G 102 1.21 -35.24 28.19
C HIS G 102 -0.14 -35.00 28.89
N ASP G 103 -1.26 -35.38 28.25
CA ASP G 103 -2.62 -35.27 28.80
C ASP G 103 -3.22 -36.68 28.89
N ALA G 104 -3.80 -37.03 30.08
CA ALA G 104 -4.42 -38.32 30.46
C ALA G 104 -5.12 -39.12 29.32
N GLN G 105 -5.79 -38.41 28.37
CA GLN G 105 -6.53 -38.88 27.18
C GLN G 105 -7.63 -39.96 27.48
N GLU G 106 -8.38 -40.37 26.41
CA GLU G 106 -9.46 -41.36 26.48
C GLU G 106 -9.37 -42.41 25.34
N LEU G 107 -10.02 -42.15 24.18
CA LEU G 107 -10.00 -43.09 23.05
C LEU G 107 -9.33 -42.49 21.79
N ASN G 108 -8.04 -42.12 21.96
CA ASN G 108 -7.18 -41.59 20.89
C ASN G 108 -6.25 -42.71 20.39
N LEU G 109 -6.31 -43.89 21.05
CA LEU G 109 -5.52 -45.10 20.78
C LEU G 109 -5.62 -45.61 19.35
N ASP G 110 -6.81 -45.51 18.73
CA ASP G 110 -7.09 -45.94 17.35
C ASP G 110 -6.30 -45.12 16.31
N ILE G 111 -5.96 -43.85 16.64
CA ILE G 111 -5.17 -42.97 15.80
C ILE G 111 -3.66 -43.20 16.09
N VAL G 112 -3.33 -43.57 17.36
CA VAL G 112 -1.96 -43.86 17.82
C VAL G 112 -1.44 -45.13 17.12
N VAL G 113 -2.30 -46.16 16.95
CA VAL G 113 -1.92 -47.40 16.25
C VAL G 113 -1.74 -47.15 14.75
N HIS G 114 -2.55 -46.25 14.16
CA HIS G 114 -2.50 -45.86 12.76
C HIS G 114 -1.16 -45.21 12.43
N VAL G 115 -0.60 -44.42 13.37
CA VAL G 115 0.70 -43.74 13.25
C VAL G 115 1.81 -44.80 13.29
N VAL G 116 1.71 -45.78 14.21
CA VAL G 116 2.68 -46.86 14.40
C VAL G 116 2.85 -47.72 13.13
N GLN G 117 1.73 -48.21 12.59
CA GLN G 117 1.75 -49.09 11.42
C GLN G 117 1.80 -48.36 10.05
N HIS G 118 1.59 -47.02 10.00
CA HIS G 118 1.60 -46.32 8.71
C HIS G 118 2.37 -45.01 8.63
N HIS G 119 2.66 -44.33 9.76
CA HIS G 119 3.31 -43.02 9.69
C HIS G 119 4.72 -42.92 10.31
N LEU G 120 5.32 -44.06 10.70
CA LEU G 120 6.68 -44.08 11.26
C LEU G 120 7.73 -43.80 10.17
N GLU G 121 7.32 -43.99 8.91
CA GLU G 121 8.08 -43.77 7.68
C GLU G 121 8.27 -42.28 7.38
N ASP G 122 7.35 -41.42 7.86
CA ASP G 122 7.39 -39.95 7.69
C ASP G 122 8.58 -39.37 8.46
N PHE G 123 8.87 -39.94 9.65
CA PHE G 123 10.01 -39.54 10.48
C PHE G 123 11.29 -39.94 9.76
N GLU G 124 11.28 -41.15 9.17
CA GLU G 124 12.39 -41.73 8.41
C GLU G 124 12.69 -40.92 7.14
N GLN G 125 11.62 -40.51 6.41
CA GLN G 125 11.75 -39.69 5.19
C GLN G 125 12.37 -38.33 5.51
N PHE G 126 11.97 -37.73 6.65
CA PHE G 126 12.47 -36.44 7.13
C PHE G 126 13.97 -36.48 7.48
N ILE G 127 14.42 -37.44 8.31
CA ILE G 127 15.83 -37.58 8.71
C ILE G 127 16.74 -37.94 7.51
N ASP G 128 16.18 -38.61 6.48
CA ASP G 128 16.92 -38.94 5.28
C ASP G 128 17.10 -37.69 4.40
N VAL G 129 16.06 -36.82 4.32
CA VAL G 129 16.07 -35.55 3.58
C VAL G 129 17.07 -34.56 4.21
N ILE G 130 17.05 -34.44 5.55
CA ILE G 130 17.94 -33.53 6.29
C ILE G 130 19.41 -33.99 6.17
N LYS G 131 19.69 -35.30 6.35
CA LYS G 131 21.05 -35.85 6.20
C LYS G 131 21.59 -35.55 4.79
N ALA G 132 20.73 -35.68 3.75
CA ALA G 132 21.04 -35.40 2.34
C ALA G 132 21.52 -33.95 2.08
N GLU G 133 21.45 -33.06 3.10
CA GLU G 133 21.95 -31.68 3.07
C GLU G 133 22.32 -31.18 4.46
N ASN H 2 -15.58 17.20 -14.45
CA ASN H 2 -14.43 17.54 -13.62
C ASN H 2 -13.26 16.59 -13.90
N ASP H 3 -12.03 17.12 -13.91
CA ASP H 3 -10.83 16.34 -14.15
C ASP H 3 -10.54 15.31 -13.08
N ILE H 4 -10.89 15.62 -11.81
CA ILE H 4 -10.71 14.70 -10.67
C ILE H 4 -11.47 13.41 -11.01
N ILE H 5 -12.77 13.53 -11.33
CA ILE H 5 -13.65 12.42 -11.70
C ILE H 5 -13.12 11.68 -12.94
N ILE H 6 -12.70 12.41 -14.00
CA ILE H 6 -12.16 11.81 -15.24
C ILE H 6 -10.91 10.98 -14.94
N ASN H 7 -9.89 11.59 -14.32
CA ASN H 7 -8.61 10.96 -14.01
C ASN H 7 -8.71 9.81 -13.02
N LYS H 8 -9.67 9.90 -12.06
CA LYS H 8 -9.87 8.83 -11.07
C LYS H 8 -10.56 7.62 -11.72
N ILE H 9 -11.51 7.85 -12.66
CA ILE H 9 -12.18 6.80 -13.44
C ILE H 9 -11.15 6.02 -14.27
N ALA H 10 -10.21 6.75 -14.93
CA ALA H 10 -9.13 6.20 -15.73
C ALA H 10 -8.18 5.36 -14.88
N THR H 11 -7.90 5.82 -13.63
CA THR H 11 -7.05 5.11 -12.67
C THR H 11 -7.68 3.76 -12.35
N ILE H 12 -9.00 3.75 -12.05
CA ILE H 12 -9.73 2.51 -11.76
C ILE H 12 -9.64 1.58 -12.97
N LYS H 13 -9.92 2.10 -14.18
CA LYS H 13 -9.86 1.35 -15.44
C LYS H 13 -8.48 0.73 -15.63
N ARG H 14 -7.41 1.52 -15.43
CA ARG H 14 -6.01 1.10 -15.54
C ARG H 14 -5.70 -0.02 -14.56
N CYS H 15 -6.02 0.20 -13.26
CA CYS H 15 -5.79 -0.77 -12.17
C CYS H 15 -6.51 -2.11 -12.39
N ILE H 16 -7.78 -2.08 -12.89
CA ILE H 16 -8.58 -3.28 -13.20
C ILE H 16 -7.92 -4.07 -14.34
N LYS H 17 -7.45 -3.36 -15.39
CA LYS H 17 -6.74 -3.96 -16.52
C LYS H 17 -5.40 -4.56 -16.07
N ARG H 18 -4.73 -3.90 -15.10
CA ARG H 18 -3.47 -4.36 -14.54
C ARG H 18 -3.64 -5.55 -13.58
N ILE H 19 -4.77 -5.64 -12.86
CA ILE H 19 -5.07 -6.76 -11.96
C ILE H 19 -5.35 -8.01 -12.81
N GLN H 20 -6.28 -7.90 -13.79
CA GLN H 20 -6.68 -8.95 -14.72
C GLN H 20 -5.48 -9.49 -15.48
N GLN H 21 -4.59 -8.59 -15.97
CA GLN H 21 -3.35 -8.94 -16.68
C GLN H 21 -2.40 -9.74 -15.79
N VAL H 22 -2.02 -9.18 -14.63
CA VAL H 22 -1.12 -9.79 -13.65
C VAL H 22 -1.65 -11.17 -13.14
N TYR H 23 -2.94 -11.24 -12.74
CA TYR H 23 -3.53 -12.48 -12.24
C TYR H 23 -3.61 -13.59 -13.30
N GLY H 24 -4.10 -13.24 -14.49
CA GLY H 24 -4.26 -14.16 -15.61
C GLY H 24 -5.18 -15.32 -15.29
N ASP H 25 -4.65 -16.55 -15.45
CA ASP H 25 -5.38 -17.79 -15.15
C ASP H 25 -5.45 -18.07 -13.64
N GLY H 26 -4.33 -17.82 -12.95
CA GLY H 26 -4.21 -18.00 -11.50
C GLY H 26 -3.07 -18.89 -11.07
N SER H 27 -2.57 -19.74 -11.98
CA SER H 27 -1.49 -20.71 -11.77
C SER H 27 -0.20 -20.10 -11.19
N GLN H 28 0.28 -19.02 -11.82
CA GLN H 28 1.52 -18.31 -11.47
C GLN H 28 1.36 -17.36 -10.26
N PHE H 29 0.13 -16.92 -9.97
CA PHE H 29 -0.23 -15.97 -8.91
C PHE H 29 0.19 -16.42 -7.50
N LYS H 30 -0.11 -17.68 -7.13
CA LYS H 30 0.18 -18.26 -5.82
C LYS H 30 1.68 -18.50 -5.53
N GLN H 31 2.54 -18.49 -6.56
CA GLN H 31 3.98 -18.73 -6.40
C GLN H 31 4.87 -17.47 -6.45
N ASP H 32 4.39 -16.39 -7.08
CA ASP H 32 5.15 -15.13 -7.22
C ASP H 32 4.55 -14.03 -6.33
N PHE H 33 5.33 -13.57 -5.32
CA PHE H 33 4.87 -12.52 -4.39
C PHE H 33 4.76 -11.15 -5.03
N THR H 34 5.51 -10.89 -6.13
CA THR H 34 5.49 -9.60 -6.86
C THR H 34 4.15 -9.40 -7.58
N LEU H 35 3.52 -10.51 -8.01
CA LEU H 35 2.22 -10.51 -8.67
C LEU H 35 1.13 -10.25 -7.63
N GLN H 36 1.28 -10.87 -6.43
CA GLN H 36 0.37 -10.72 -5.29
C GLN H 36 0.38 -9.28 -4.85
N ASP H 37 1.60 -8.71 -4.67
CA ASP H 37 1.86 -7.33 -4.27
C ASP H 37 1.26 -6.32 -5.25
N SER H 38 1.38 -6.56 -6.56
CA SER H 38 0.83 -5.70 -7.61
C SER H 38 -0.68 -5.68 -7.55
N VAL H 39 -1.32 -6.88 -7.50
CA VAL H 39 -2.77 -7.05 -7.39
C VAL H 39 -3.30 -6.33 -6.13
N ILE H 40 -2.63 -6.53 -4.98
CA ILE H 40 -2.98 -5.92 -3.69
C ILE H 40 -2.93 -4.38 -3.76
N LEU H 41 -1.78 -3.82 -4.21
CA LEU H 41 -1.57 -2.38 -4.36
C LEU H 41 -2.58 -1.74 -5.32
N ASN H 42 -2.88 -2.41 -6.45
CA ASN H 42 -3.85 -1.92 -7.42
C ASN H 42 -5.28 -2.01 -6.90
N LEU H 43 -5.56 -2.93 -5.95
CA LEU H 43 -6.89 -3.00 -5.34
C LEU H 43 -7.10 -1.78 -4.44
N GLN H 44 -6.08 -1.44 -3.61
CA GLN H 44 -6.07 -0.26 -2.74
C GLN H 44 -6.22 1.02 -3.56
N ARG H 45 -5.59 1.06 -4.75
CA ARG H 45 -5.65 2.17 -5.68
C ARG H 45 -7.07 2.38 -6.22
N CYS H 46 -7.81 1.28 -6.49
CA CYS H 46 -9.21 1.30 -6.97
C CYS H 46 -10.08 1.82 -5.85
N CYS H 47 -9.81 1.33 -4.62
CA CYS H 47 -10.53 1.70 -3.41
C CYS H 47 -10.43 3.18 -3.10
N GLU H 48 -9.20 3.74 -3.08
CA GLU H 48 -8.99 5.17 -2.82
C GLU H 48 -9.50 6.04 -3.94
N ALA H 49 -9.47 5.57 -5.20
CA ALA H 49 -10.01 6.32 -6.32
C ALA H 49 -11.52 6.41 -6.21
N CYS H 50 -12.16 5.35 -5.67
CA CYS H 50 -13.61 5.32 -5.43
C CYS H 50 -13.93 6.28 -4.29
N ILE H 51 -13.17 6.20 -3.17
CA ILE H 51 -13.34 7.08 -2.00
C ILE H 51 -13.21 8.54 -2.43
N ASP H 52 -12.19 8.86 -3.26
CA ASP H 52 -11.95 10.19 -3.79
C ASP H 52 -13.13 10.68 -4.65
N ILE H 53 -13.63 9.84 -5.60
CA ILE H 53 -14.82 10.16 -6.44
C ILE H 53 -16.03 10.42 -5.53
N ALA H 54 -16.28 9.51 -4.56
CA ALA H 54 -17.36 9.60 -3.57
C ALA H 54 -17.33 10.92 -2.80
N ASN H 55 -16.14 11.30 -2.25
CA ASN H 55 -15.93 12.54 -1.48
C ASN H 55 -16.19 13.79 -2.33
N HIS H 56 -15.74 13.77 -3.61
CA HIS H 56 -15.93 14.86 -4.57
C HIS H 56 -17.41 15.09 -4.86
N ILE H 57 -18.18 13.99 -5.05
CA ILE H 57 -19.62 14.04 -5.32
C ILE H 57 -20.39 14.56 -4.10
N ASN H 58 -20.05 14.08 -2.89
CA ASN H 58 -20.69 14.49 -1.64
C ASN H 58 -20.57 16.01 -1.41
N ARG H 59 -19.38 16.55 -1.71
CA ARG H 59 -18.99 17.95 -1.58
C ARG H 59 -19.71 18.84 -2.62
N GLN H 60 -19.60 18.49 -3.93
CA GLN H 60 -20.21 19.25 -5.03
C GLN H 60 -21.74 19.27 -4.97
N GLN H 61 -22.37 18.10 -4.77
CA GLN H 61 -23.83 17.97 -4.68
C GLN H 61 -24.36 18.34 -3.28
N GLN H 62 -23.45 18.72 -2.35
CA GLN H 62 -23.70 19.14 -0.96
C GLN H 62 -24.59 18.15 -0.20
N LEU H 63 -24.23 16.84 -0.27
CA LEU H 63 -24.96 15.74 0.39
C LEU H 63 -24.71 15.68 1.90
N GLY H 64 -23.47 15.99 2.29
CA GLY H 64 -23.06 16.00 3.69
C GLY H 64 -21.56 15.98 3.87
N ILE H 65 -21.13 15.78 5.12
CA ILE H 65 -19.71 15.70 5.45
C ILE H 65 -19.36 14.23 5.77
N PRO H 66 -18.73 13.49 4.82
CA PRO H 66 -18.35 12.10 5.13
C PRO H 66 -17.41 12.06 6.33
N GLN H 67 -17.86 11.40 7.41
CA GLN H 67 -17.15 11.28 8.67
C GLN H 67 -16.09 10.16 8.68
N SER H 68 -16.07 9.32 7.62
CA SER H 68 -15.13 8.20 7.41
C SER H 68 -15.10 7.81 5.92
N SER H 69 -14.20 6.88 5.53
CA SER H 69 -14.09 6.39 4.14
C SER H 69 -15.38 5.67 3.73
N ARG H 70 -15.95 4.85 4.66
CA ARG H 70 -17.19 4.11 4.49
C ARG H 70 -18.38 5.05 4.38
N ASP H 71 -18.39 6.10 5.23
CA ASP H 71 -19.42 7.14 5.27
C ASP H 71 -19.58 7.89 3.94
N SER H 72 -18.50 7.94 3.12
CA SER H 72 -18.49 8.54 1.78
C SER H 72 -19.45 7.76 0.88
N PHE H 73 -19.56 6.44 1.11
CA PHE H 73 -20.46 5.55 0.36
C PHE H 73 -21.86 5.54 0.95
N THR H 74 -22.01 5.66 2.30
CA THR H 74 -23.35 5.71 2.89
C THR H 74 -24.09 6.95 2.41
N LEU H 75 -23.42 8.13 2.41
CA LEU H 75 -24.00 9.40 1.94
C LEU H 75 -24.48 9.34 0.49
N LEU H 76 -23.75 8.62 -0.38
CA LEU H 76 -24.14 8.43 -1.77
C LEU H 76 -25.41 7.57 -1.85
N ALA H 77 -25.46 6.44 -1.12
CA ALA H 77 -26.58 5.51 -1.08
C ALA H 77 -27.86 6.13 -0.50
N GLN H 78 -27.69 6.98 0.54
CA GLN H 78 -28.78 7.71 1.22
C GLN H 78 -29.44 8.69 0.27
N ASN H 79 -28.64 9.27 -0.63
CA ASN H 79 -29.10 10.22 -1.64
C ASN H 79 -29.46 9.53 -2.96
N ASN H 80 -29.62 8.18 -2.92
CA ASN H 80 -30.00 7.29 -4.02
C ASN H 80 -29.18 7.53 -5.30
N LEU H 81 -27.88 7.79 -5.11
CA LEU H 81 -26.93 8.02 -6.18
C LEU H 81 -26.34 6.70 -6.61
N ILE H 82 -26.18 5.78 -5.63
CA ILE H 82 -25.71 4.40 -5.78
C ILE H 82 -26.63 3.47 -4.96
N THR H 83 -26.77 2.19 -5.39
CA THR H 83 -27.64 1.24 -4.68
C THR H 83 -27.00 0.82 -3.35
N GLN H 84 -27.83 0.41 -2.36
CA GLN H 84 -27.34 -0.08 -1.07
C GLN H 84 -26.41 -1.28 -1.24
N PRO H 85 -26.71 -2.33 -2.08
CA PRO H 85 -25.72 -3.42 -2.24
C PRO H 85 -24.40 -2.99 -2.87
N LEU H 86 -24.41 -1.96 -3.76
CA LEU H 86 -23.16 -1.43 -4.36
C LEU H 86 -22.34 -0.74 -3.27
N SER H 87 -22.98 0.14 -2.49
CA SER H 87 -22.42 0.85 -1.35
C SER H 87 -21.80 -0.17 -0.39
N ASP H 88 -22.59 -1.17 0.07
CA ASP H 88 -22.16 -2.23 0.96
C ASP H 88 -20.95 -2.97 0.42
N ASN H 89 -20.89 -3.18 -0.91
CA ASN H 89 -19.77 -3.87 -1.55
C ASN H 89 -18.53 -3.01 -1.62
N LEU H 90 -18.71 -1.69 -1.87
CA LEU H 90 -17.58 -0.76 -1.95
C LEU H 90 -16.98 -0.54 -0.57
N LYS H 91 -17.82 -0.57 0.47
CA LYS H 91 -17.40 -0.47 1.86
C LYS H 91 -16.53 -1.66 2.22
N LYS H 92 -16.84 -2.88 1.71
CA LYS H 92 -16.07 -4.13 1.94
C LYS H 92 -14.61 -4.01 1.47
N MET H 93 -14.38 -3.18 0.45
CA MET H 93 -13.07 -2.91 -0.17
C MET H 93 -12.21 -1.99 0.68
N VAL H 94 -12.84 -1.14 1.53
CA VAL H 94 -12.18 -0.18 2.42
C VAL H 94 -11.26 -0.91 3.42
N GLY H 95 -11.64 -2.13 3.78
CA GLY H 95 -10.88 -2.98 4.69
C GLY H 95 -9.66 -3.64 4.08
N LEU H 96 -9.52 -3.57 2.74
CA LEU H 96 -8.38 -4.17 2.04
C LEU H 96 -7.04 -3.51 2.37
N ARG H 97 -7.00 -2.16 2.49
CA ARG H 97 -5.78 -1.40 2.82
C ARG H 97 -5.08 -1.97 4.06
N ASN H 98 -5.87 -2.28 5.10
CA ASN H 98 -5.44 -2.86 6.38
C ASN H 98 -4.94 -4.31 6.28
N ILE H 99 -5.25 -5.04 5.18
CA ILE H 99 -4.87 -6.44 4.99
C ILE H 99 -3.41 -6.59 4.52
N ALA H 100 -2.89 -5.63 3.75
CA ALA H 100 -1.53 -5.71 3.22
C ALA H 100 -0.48 -5.16 4.17
N VAL H 101 -0.51 -3.83 4.38
CA VAL H 101 0.44 -3.03 5.17
C VAL H 101 0.69 -3.61 6.59
N HIS H 102 -0.38 -4.01 7.30
CA HIS H 102 -0.28 -4.57 8.63
C HIS H 102 -0.27 -6.07 8.57
N ASP H 103 0.81 -6.68 9.07
CA ASP H 103 0.97 -8.15 9.13
C ASP H 103 -0.13 -8.72 10.05
N ALA H 104 -0.19 -8.23 11.32
CA ALA H 104 -1.15 -8.55 12.39
C ALA H 104 -1.60 -10.03 12.44
N GLN H 105 -0.72 -10.94 11.95
CA GLN H 105 -0.90 -12.38 11.85
C GLN H 105 -2.13 -12.78 10.98
N LEU H 109 -4.22 -15.07 0.91
CA LEU H 109 -4.34 -15.01 -0.55
C LEU H 109 -5.69 -15.42 -1.08
N ASP H 110 -6.43 -16.27 -0.34
CA ASP H 110 -7.77 -16.74 -0.71
C ASP H 110 -8.74 -15.57 -0.84
N ILE H 111 -8.63 -14.57 0.05
CA ILE H 111 -9.44 -13.36 0.10
C ILE H 111 -9.15 -12.49 -1.13
N VAL H 112 -7.85 -12.34 -1.49
CA VAL H 112 -7.39 -11.55 -2.64
C VAL H 112 -7.97 -12.13 -3.93
N VAL H 113 -7.86 -13.47 -4.13
CA VAL H 113 -8.38 -14.20 -5.29
C VAL H 113 -9.90 -14.05 -5.37
N HIS H 114 -10.61 -14.24 -4.23
CA HIS H 114 -12.07 -14.08 -4.14
C HIS H 114 -12.49 -12.67 -4.63
N VAL H 115 -11.74 -11.64 -4.21
CA VAL H 115 -11.95 -10.24 -4.58
C VAL H 115 -11.69 -10.02 -6.10
N VAL H 116 -10.59 -10.57 -6.63
CA VAL H 116 -10.23 -10.47 -8.06
C VAL H 116 -11.33 -11.12 -8.93
N GLN H 117 -11.78 -12.31 -8.53
CA GLN H 117 -12.80 -13.10 -9.22
C GLN H 117 -14.21 -12.55 -9.09
N HIS H 118 -14.55 -11.90 -7.96
CA HIS H 118 -15.94 -11.48 -7.72
C HIS H 118 -16.22 -9.99 -7.43
N HIS H 119 -15.26 -9.21 -6.94
CA HIS H 119 -15.54 -7.83 -6.55
C HIS H 119 -14.95 -6.73 -7.47
N LEU H 120 -14.26 -7.10 -8.57
CA LEU H 120 -13.76 -6.10 -9.54
C LEU H 120 -14.93 -5.46 -10.29
N GLU H 121 -16.04 -6.20 -10.44
CA GLU H 121 -17.28 -5.76 -11.08
C GLU H 121 -17.94 -4.62 -10.31
N ASP H 122 -17.70 -4.53 -8.98
CA ASP H 122 -18.23 -3.48 -8.10
C ASP H 122 -17.62 -2.11 -8.45
N PHE H 123 -16.30 -2.08 -8.73
CA PHE H 123 -15.58 -0.89 -9.17
C PHE H 123 -16.09 -0.44 -10.55
N GLU H 124 -16.24 -1.42 -11.49
CA GLU H 124 -16.74 -1.18 -12.85
C GLU H 124 -18.19 -0.66 -12.80
N GLN H 125 -19.02 -1.22 -11.88
CA GLN H 125 -20.40 -0.80 -11.66
C GLN H 125 -20.45 0.63 -11.17
N PHE H 126 -19.48 1.03 -10.30
CA PHE H 126 -19.36 2.38 -9.75
C PHE H 126 -18.99 3.41 -10.83
N ILE H 127 -18.02 3.08 -11.72
CA ILE H 127 -17.59 3.93 -12.84
C ILE H 127 -18.83 4.27 -13.69
N ASP H 128 -19.56 3.22 -14.13
CA ASP H 128 -20.76 3.27 -14.95
C ASP H 128 -21.85 4.21 -14.43
N VAL H 129 -22.10 4.20 -13.10
CA VAL H 129 -23.13 5.07 -12.51
C VAL H 129 -22.67 6.52 -12.45
N ILE H 130 -21.33 6.75 -12.33
CA ILE H 130 -20.73 8.08 -12.29
C ILE H 130 -20.71 8.70 -13.70
N LYS H 131 -20.28 7.89 -14.72
CA LYS H 131 -20.25 8.25 -16.14
C LYS H 131 -21.67 8.68 -16.61
N ALA H 132 -22.72 7.99 -16.11
CA ALA H 132 -24.12 8.27 -16.40
C ALA H 132 -24.62 9.60 -15.78
N GLU H 133 -23.68 10.41 -15.20
CA GLU H 133 -23.84 11.73 -14.58
C GLU H 133 -25.11 11.86 -13.73
PG ANP I . -8.14 15.18 1.39
O1G ANP I . -8.79 15.83 2.51
O2G ANP I . -6.61 15.62 1.37
O3G ANP I . -8.23 13.62 1.59
PB ANP I . -8.46 16.71 -1.17
O1B ANP I . -9.61 17.50 -1.59
O2B ANP I . -7.38 17.70 -0.56
N3B ANP I . -8.84 15.57 -0.05
PA ANP I . -6.36 15.30 -2.71
O1A ANP I . -6.54 13.88 -3.12
O2A ANP I . -5.49 15.37 -1.45
O3A ANP I . -7.78 15.96 -2.40
O5' ANP I . -5.66 16.19 -3.83
C5' ANP I . -5.63 17.62 -3.71
C4' ANP I . -6.11 18.26 -4.97
O4' ANP I . -5.36 17.73 -6.10
C3' ANP I . -7.57 18.03 -5.34
O3' ANP I . -8.44 18.93 -4.68
C2' ANP I . -7.56 18.23 -6.85
O2' ANP I . -7.60 19.63 -7.16
C1' ANP I . -6.20 17.63 -7.23
N9 ANP I . -6.25 16.24 -7.68
C8 ANP I . -6.13 15.10 -6.92
N7 ANP I . -6.23 13.98 -7.60
C5 ANP I . -6.41 14.41 -8.91
C6 ANP I . -6.55 13.71 -10.13
N6 ANP I . -6.53 12.38 -10.22
N1 ANP I . -6.71 14.44 -11.25
C2 ANP I . -6.71 15.78 -11.17
N3 ANP I . -6.57 16.54 -10.08
C4 ANP I . -6.42 15.80 -8.97
MG MG J . -5.50 17.19 0.31
MG MG K . -2.70 15.15 -2.03
PG ANP L . -4.48 0.54 16.91
O1G ANP L . -4.95 1.57 17.83
O2G ANP L . -5.72 -0.35 16.47
O3G ANP L . -3.86 1.21 15.62
PB ANP L . -3.44 -1.92 18.18
O1B ANP L . -2.85 -2.01 19.50
O2B ANP L . -4.97 -2.31 18.26
N3B ANP L . -3.33 -0.42 17.56
PA ANP L . -3.14 -3.87 15.93
O1A ANP L . -2.13 -3.76 14.85
O2A ANP L . -4.52 -3.45 15.40
O3A ANP L . -2.72 -2.92 17.15
O5' ANP L . -3.26 -5.36 16.48
C5' ANP L . -4.08 -5.64 17.63
C4' ANP L . -3.40 -6.66 18.50
O4' ANP L . -2.96 -7.77 17.69
C3' ANP L . -2.15 -6.18 19.21
O3' ANP L . -2.44 -5.39 20.36
C2' ANP L . -1.40 -7.48 19.46
O2' ANP L . -1.85 -8.21 20.59
C1' ANP L . -1.74 -8.28 18.19
N9 ANP L . -0.72 -8.24 17.14
C8 ANP L . -0.59 -7.32 16.13
N7 ANP L . 0.43 -7.52 15.35
C5 ANP L . 1.03 -8.66 15.87
C6 ANP L . 2.15 -9.43 15.46
N6 ANP L . 2.88 -9.15 14.39
N1 ANP L . 2.46 -10.53 16.19
C2 ANP L . 1.70 -10.83 17.25
N3 ANP L . 0.62 -10.20 17.72
C4 ANP L . 0.33 -9.11 16.98
MG MG M . -6.61 -2.25 16.75
MG MG N . -5.42 -4.94 13.60
#